data_7DZ3
#
_entry.id   7DZ3
#
_cell.length_a   87.437
_cell.length_b   120.648
_cell.length_c   134.633
_cell.angle_alpha   90.000
_cell.angle_beta   90.000
_cell.angle_gamma   90.000
#
_symmetry.space_group_name_H-M   'P 21 21 21'
#
loop_
_entity.id
_entity.type
_entity.pdbx_description
1 polymer 'D-tagatose 3-epimerase'
2 non-polymer 'MAGNESIUM ION'
3 non-polymer D-fructose
4 water water
#
_entity_poly.entity_id   1
_entity_poly.type   'polypeptide(L)'
_entity_poly.pdbx_seq_one_letter_code
;MTMQGFGVHTSMWTMNWDRPGAERAVAAALKYEVDFIEIPMLNPPAVDTEHTRALLEKNELRALCSLGLPERAWASVRPD
AAIEHLKVAIDKTADLGGEALSGVIYGGIGERTGVPPTEAEYDNIARVLSAAAKHAKSRGIELGVEAVNRYENHLINTGW
QAVQMIERVGADNIFVHLDTYHMNIEEKGVGNGILDAREHLKYIHLSESDRGTPGYGTCGWDEIFSTLAAIGFKGGLAME
SFINMPPEVAYGLAVWRPVAKDEEEVMGNGLPFLRNKAKQYGLIGN
;
_entity_poly.pdbx_strand_id   A,B,C,D
#
# COMPACT_ATOMS: atom_id res chain seq x y z
N THR A 2 19.00 4.07 25.58
CA THR A 2 17.98 5.04 25.19
C THR A 2 18.24 5.78 23.88
N MET A 3 18.67 5.08 22.83
CA MET A 3 18.96 5.75 21.57
C MET A 3 17.73 6.52 21.11
N GLN A 4 17.95 7.70 20.52
CA GLN A 4 16.87 8.57 20.10
C GLN A 4 17.15 9.10 18.70
N GLY A 5 16.08 9.40 17.97
CA GLY A 5 16.23 10.18 16.77
C GLY A 5 16.63 9.32 15.59
N PHE A 6 17.30 9.95 14.63
CA PHE A 6 17.70 9.37 13.36
C PHE A 6 19.19 9.11 13.34
N GLY A 7 19.56 7.96 12.80
CA GLY A 7 20.95 7.62 12.60
C GLY A 7 21.10 6.80 11.35
N VAL A 8 22.33 6.38 11.12
CA VAL A 8 22.71 5.61 9.95
C VAL A 8 23.69 4.51 10.36
N HIS A 9 23.53 3.36 9.73
CA HIS A 9 24.53 2.28 9.77
C HIS A 9 25.68 2.70 8.87
N THR A 10 26.92 2.67 9.39
CA THR A 10 28.06 3.23 8.68
C THR A 10 28.55 2.35 7.53
N SER A 11 27.91 1.21 7.25
CA SER A 11 28.39 0.36 6.16
C SER A 11 28.46 1.10 4.83
N MET A 12 27.70 2.18 4.65
CA MET A 12 27.75 2.96 3.42
C MET A 12 29.09 3.67 3.21
N TRP A 13 29.88 3.79 4.27
CA TRP A 13 31.19 4.44 4.18
C TRP A 13 32.30 3.59 4.76
N THR A 14 31.97 2.72 5.71
CA THR A 14 32.97 1.99 6.47
C THR A 14 32.37 0.70 6.99
N MET A 15 32.93 -0.43 6.59
CA MET A 15 32.73 -1.67 7.32
C MET A 15 33.94 -2.07 8.15
N ASN A 16 35.13 -1.60 7.72
CA ASN A 16 36.38 -1.80 8.47
C ASN A 16 36.61 -0.56 9.34
N TRP A 17 36.32 -0.68 10.63
CA TRP A 17 36.36 0.47 11.54
C TRP A 17 37.80 0.72 12.05
N ASP A 18 38.68 1.03 11.11
CA ASP A 18 40.04 1.46 11.46
C ASP A 18 40.04 2.98 11.58
N ARG A 19 41.21 3.59 11.84
CA ARG A 19 41.21 5.02 12.11
C ARG A 19 40.66 5.81 10.92
N PRO A 20 41.17 5.67 9.69
CA PRO A 20 40.58 6.44 8.59
C PRO A 20 39.13 6.07 8.34
N GLY A 21 38.74 4.81 8.54
CA GLY A 21 37.33 4.43 8.36
C GLY A 21 36.40 5.11 9.33
N ALA A 22 36.80 5.17 10.61
CA ALA A 22 36.00 5.88 11.60
C ALA A 22 35.91 7.36 11.28
N GLU A 23 37.04 7.96 10.89
CA GLU A 23 37.00 9.37 10.52
C GLU A 23 36.03 9.59 9.34
N ARG A 24 36.08 8.73 8.34
CA ARG A 24 35.24 8.90 7.16
C ARG A 24 33.76 8.79 7.51
N ALA A 25 33.41 7.81 8.35
CA ALA A 25 32.02 7.60 8.72
C ALA A 25 31.50 8.75 9.57
N VAL A 26 32.32 9.21 10.51
CA VAL A 26 31.86 10.33 11.32
C VAL A 26 31.65 11.57 10.44
N ALA A 27 32.50 11.75 9.42
CA ALA A 27 32.38 12.91 8.54
C ALA A 27 31.06 12.84 7.77
N ALA A 28 30.73 11.66 7.27
CA ALA A 28 29.43 11.49 6.60
C ALA A 28 28.26 11.76 7.54
N ALA A 29 28.35 11.26 8.78
CA ALA A 29 27.27 11.44 9.76
C ALA A 29 26.97 12.91 9.97
N LEU A 30 28.01 13.72 10.10
CA LEU A 30 27.82 15.15 10.28
C LEU A 30 27.20 15.80 9.05
N LYS A 31 27.68 15.43 7.87
CA LYS A 31 27.13 15.97 6.62
C LYS A 31 25.64 15.75 6.53
N TYR A 32 25.18 14.56 6.88
CA TYR A 32 23.76 14.22 6.82
C TYR A 32 23.01 14.58 8.08
N GLU A 33 23.70 15.18 9.06
CA GLU A 33 23.08 15.75 10.24
C GLU A 33 22.26 14.73 11.02
N VAL A 34 22.77 13.54 11.18
CA VAL A 34 22.09 12.50 11.94
C VAL A 34 22.44 12.64 13.42
N ASP A 35 21.64 11.96 14.24
CA ASP A 35 21.80 11.97 15.70
C ASP A 35 22.75 10.89 16.20
N PHE A 36 22.88 9.78 15.48
CA PHE A 36 23.75 8.72 15.95
C PHE A 36 24.23 7.91 14.77
N ILE A 37 25.25 7.11 15.02
CA ILE A 37 25.75 6.15 14.06
C ILE A 37 25.70 4.76 14.67
N GLU A 38 25.55 3.76 13.79
CA GLU A 38 25.71 2.37 14.18
C GLU A 38 27.01 1.87 13.59
N ILE A 39 27.89 1.38 14.45
CA ILE A 39 29.25 1.00 14.08
C ILE A 39 29.28 -0.52 13.94
N PRO A 40 29.52 -1.06 12.75
CA PRO A 40 29.72 -2.50 12.63
C PRO A 40 31.09 -2.85 13.21
N MET A 41 31.13 -3.96 13.96
CA MET A 41 32.36 -4.40 14.62
C MET A 41 32.70 -5.78 14.09
N LEU A 42 33.25 -5.81 12.88
CA LEU A 42 33.67 -7.07 12.26
C LEU A 42 34.86 -7.67 13.00
N ASN A 43 35.66 -6.85 13.67
CA ASN A 43 36.90 -7.32 14.29
C ASN A 43 37.13 -6.53 15.56
N PRO A 44 36.38 -6.83 16.62
CA PRO A 44 36.35 -5.94 17.79
C PRO A 44 37.73 -5.70 18.38
N PRO A 45 38.61 -6.69 18.46
CA PRO A 45 39.94 -6.42 19.06
C PRO A 45 40.70 -5.28 18.40
N ALA A 46 40.49 -5.02 17.10
CA ALA A 46 41.29 -4.03 16.40
C ALA A 46 40.78 -2.60 16.57
N VAL A 47 39.64 -2.42 17.25
CA VAL A 47 39.03 -1.11 17.36
C VAL A 47 39.83 -0.25 18.32
N ASP A 48 40.16 0.98 17.89
CA ASP A 48 40.80 1.97 18.74
C ASP A 48 39.70 2.71 19.48
N THR A 49 39.44 2.30 20.74
CA THR A 49 38.30 2.84 21.45
C THR A 49 38.46 4.30 21.79
N GLU A 50 39.67 4.75 22.09
CA GLU A 50 39.83 6.14 22.53
C GLU A 50 39.66 7.10 21.36
N HIS A 51 40.20 6.73 20.20
CA HIS A 51 40.03 7.55 19.01
C HIS A 51 38.54 7.72 18.68
N THR A 52 37.80 6.61 18.70
CA THR A 52 36.39 6.70 18.34
C THR A 52 35.62 7.46 19.41
N ARG A 53 35.92 7.21 20.69
CA ARG A 53 35.22 7.94 21.74
C ARG A 53 35.40 9.44 21.58
N ALA A 54 36.64 9.90 21.37
CA ALA A 54 36.89 11.33 21.20
C ALA A 54 36.18 11.89 19.97
N LEU A 55 36.11 11.12 18.88
CA LEU A 55 35.36 11.56 17.71
C LEU A 55 33.89 11.77 18.07
N LEU A 56 33.31 10.85 18.84
CA LEU A 56 31.89 10.96 19.14
C LEU A 56 31.63 12.13 20.08
N GLU A 57 32.49 12.30 21.09
CA GLU A 57 32.25 13.36 22.06
C GLU A 57 32.48 14.73 21.42
N LYS A 58 33.54 14.86 20.62
CA LYS A 58 33.82 16.10 19.94
C LYS A 58 32.63 16.54 19.08
N ASN A 59 32.02 15.60 18.38
CA ASN A 59 31.00 15.91 17.39
C ASN A 59 29.60 15.69 17.92
N GLU A 60 29.44 15.52 19.22
CA GLU A 60 28.12 15.43 19.85
C GLU A 60 27.29 14.31 19.23
N LEU A 61 27.95 13.23 18.82
CA LEU A 61 27.33 12.13 18.12
C LEU A 61 27.25 10.93 19.05
N ARG A 62 26.12 10.26 19.06
CA ARG A 62 25.96 9.03 19.83
C ARG A 62 26.17 7.83 18.94
N ALA A 63 26.32 6.66 19.56
CA ALA A 63 26.66 5.48 18.81
C ALA A 63 26.19 4.21 19.52
N LEU A 64 25.95 3.19 18.71
CA LEU A 64 25.90 1.82 19.16
C LEU A 64 26.67 0.98 18.16
N CYS A 65 26.95 -0.25 18.54
CA CYS A 65 27.70 -1.15 17.69
C CYS A 65 26.81 -2.34 17.37
N SER A 66 27.18 -3.05 16.30
CA SER A 66 26.45 -4.27 15.98
C SER A 66 27.42 -5.28 15.40
N LEU A 67 27.00 -6.54 15.42
CA LEU A 67 27.82 -7.62 14.89
C LEU A 67 26.93 -8.82 14.64
N GLY A 68 27.47 -9.75 13.87
CA GLY A 68 26.98 -11.11 13.85
C GLY A 68 28.11 -12.02 14.30
N LEU A 69 27.75 -13.11 14.97
CA LEU A 69 28.80 -13.98 15.52
C LEU A 69 29.46 -14.77 14.40
N PRO A 70 30.78 -14.91 14.40
CA PRO A 70 31.45 -15.76 13.42
C PRO A 70 31.22 -17.20 13.77
N GLU A 71 31.49 -18.09 12.79
CA GLU A 71 31.00 -19.46 12.92
C GLU A 71 31.66 -20.17 14.11
N ARG A 72 32.94 -19.88 14.37
CA ARG A 72 33.61 -20.48 15.51
C ARG A 72 32.95 -20.11 16.83
N ALA A 73 32.09 -19.09 16.84
CA ALA A 73 31.43 -18.65 18.07
C ALA A 73 29.90 -18.61 17.96
N TRP A 74 29.31 -19.37 17.04
CA TRP A 74 27.87 -19.43 16.96
C TRP A 74 27.29 -19.94 18.28
N ALA A 75 26.47 -19.10 18.93
CA ALA A 75 25.94 -19.42 20.24
C ALA A 75 25.15 -20.73 20.27
N SER A 76 24.46 -21.07 19.18
CA SER A 76 23.57 -22.23 19.24
C SER A 76 24.34 -23.52 19.45
N VAL A 77 25.63 -23.55 19.08
CA VAL A 77 26.39 -24.79 19.14
C VAL A 77 27.73 -24.64 19.85
N ARG A 78 28.20 -23.39 20.04
CA ARG A 78 29.48 -23.14 20.71
C ARG A 78 29.32 -22.01 21.70
N PRO A 79 28.50 -22.23 22.73
CA PRO A 79 28.14 -21.10 23.59
C PRO A 79 29.30 -20.53 24.38
N ASP A 80 30.27 -21.36 24.78
CA ASP A 80 31.42 -20.81 25.53
C ASP A 80 32.20 -19.83 24.66
N ALA A 81 32.42 -20.19 23.40
CA ALA A 81 33.13 -19.28 22.52
C ALA A 81 32.26 -18.06 22.20
N ALA A 82 30.94 -18.23 22.14
CA ALA A 82 30.08 -17.08 21.90
C ALA A 82 30.20 -16.09 23.04
N ILE A 83 30.20 -16.59 24.27
CA ILE A 83 30.31 -15.70 25.41
C ILE A 83 31.64 -14.95 25.38
N GLU A 84 32.74 -15.66 25.06
CA GLU A 84 34.06 -15.00 25.06
C GLU A 84 34.10 -13.91 23.99
N HIS A 85 33.53 -14.22 22.82
CA HIS A 85 33.47 -13.25 21.72
C HIS A 85 32.63 -12.04 22.11
N LEU A 86 31.47 -12.27 22.73
CA LEU A 86 30.60 -11.16 23.08
C LEU A 86 31.20 -10.30 24.19
N LYS A 87 31.84 -10.91 25.19
CA LYS A 87 32.44 -10.05 26.24
C LYS A 87 33.42 -9.07 25.61
N VAL A 88 34.24 -9.53 24.67
CA VAL A 88 35.22 -8.65 24.03
C VAL A 88 34.51 -7.52 23.29
N ALA A 89 33.47 -7.86 22.51
CA ALA A 89 32.70 -6.86 21.77
C ALA A 89 31.97 -5.91 22.71
N ILE A 90 31.46 -6.42 23.83
CA ILE A 90 30.73 -5.57 24.76
C ILE A 90 31.67 -4.57 25.39
N ASP A 91 32.88 -5.03 25.75
CA ASP A 91 33.82 -4.11 26.37
C ASP A 91 34.27 -3.05 25.38
N LYS A 92 34.61 -3.46 24.16
CA LYS A 92 34.99 -2.49 23.12
C LYS A 92 33.86 -1.50 22.88
N THR A 93 32.62 -1.99 22.78
CA THR A 93 31.48 -1.08 22.59
C THR A 93 31.42 -0.06 23.69
N ALA A 94 31.55 -0.50 24.94
CA ALA A 94 31.43 0.46 26.05
C ALA A 94 32.62 1.40 26.08
N ASP A 95 33.81 0.87 25.80
CA ASP A 95 35.02 1.69 25.85
C ASP A 95 34.97 2.83 24.82
N LEU A 96 34.37 2.59 23.67
CA LEU A 96 34.32 3.64 22.65
C LEU A 96 33.19 4.63 22.88
N GLY A 97 32.36 4.43 23.89
CA GLY A 97 31.24 5.31 24.13
C GLY A 97 29.91 4.80 23.60
N GLY A 98 29.86 3.56 23.12
CA GLY A 98 28.62 3.02 22.60
C GLY A 98 27.61 2.71 23.70
N GLU A 99 26.33 2.80 23.33
CA GLU A 99 25.25 2.59 24.30
C GLU A 99 24.64 1.21 24.23
N ALA A 100 24.95 0.44 23.20
CA ALA A 100 24.36 -0.87 23.05
C ALA A 100 25.20 -1.64 22.04
N LEU A 101 25.15 -2.96 22.16
CA LEU A 101 25.64 -3.91 21.19
C LEU A 101 24.43 -4.65 20.68
N SER A 102 24.20 -4.60 19.37
CA SER A 102 22.96 -5.17 18.81
C SER A 102 23.31 -6.00 17.60
N GLY A 103 22.27 -6.51 16.96
CA GLY A 103 22.46 -7.31 15.77
C GLY A 103 22.24 -8.78 16.02
N VAL A 104 22.95 -9.60 15.24
CA VAL A 104 22.82 -11.05 15.33
C VAL A 104 23.79 -11.53 16.40
N ILE A 105 23.56 -11.09 17.64
CA ILE A 105 24.43 -11.42 18.77
C ILE A 105 24.20 -12.83 19.27
N TYR A 106 23.18 -13.51 18.75
CA TYR A 106 22.75 -14.82 19.21
C TYR A 106 23.12 -15.92 18.23
N GLY A 107 23.77 -15.58 17.14
CA GLY A 107 24.06 -16.56 16.11
C GLY A 107 24.78 -15.86 15.00
N GLY A 108 24.80 -16.48 13.83
CA GLY A 108 25.54 -15.91 12.73
C GLY A 108 24.76 -15.95 11.42
N ILE A 109 25.16 -15.07 10.51
CA ILE A 109 24.66 -15.16 9.15
C ILE A 109 25.20 -16.44 8.54
N GLY A 110 24.31 -17.25 8.00
CA GLY A 110 24.69 -18.52 7.43
C GLY A 110 24.36 -19.72 8.27
N GLU A 111 23.77 -19.54 9.46
CA GLU A 111 23.26 -20.69 10.20
C GLU A 111 22.01 -21.24 9.54
N ARG A 112 22.01 -22.55 9.35
CA ARG A 112 20.92 -23.29 8.75
C ARG A 112 21.12 -24.78 9.00
N THR A 113 20.18 -25.43 9.70
CA THR A 113 20.25 -26.88 9.90
C THR A 113 19.42 -27.66 8.91
N GLY A 114 18.43 -27.02 8.30
CA GLY A 114 17.52 -27.68 7.38
C GLY A 114 16.24 -28.12 8.03
N VAL A 115 16.12 -27.91 9.33
CA VAL A 115 14.93 -28.29 10.10
C VAL A 115 14.63 -27.12 11.04
N PRO A 116 13.49 -27.14 11.74
CA PRO A 116 13.17 -26.05 12.66
C PRO A 116 14.18 -25.91 13.77
N PRO A 117 14.27 -24.70 14.35
CA PRO A 117 15.11 -24.50 15.54
C PRO A 117 14.61 -25.39 16.67
N THR A 118 15.56 -25.95 17.42
CA THR A 118 15.27 -26.89 18.49
C THR A 118 15.40 -26.21 19.83
N GLU A 119 14.81 -26.84 20.85
CA GLU A 119 14.95 -26.35 22.22
C GLU A 119 16.42 -26.35 22.67
N ALA A 120 17.20 -27.35 22.26
CA ALA A 120 18.61 -27.37 22.63
C ALA A 120 19.32 -26.14 22.09
N GLU A 121 19.07 -25.79 20.83
CA GLU A 121 19.65 -24.58 20.26
C GLU A 121 19.28 -23.38 21.10
N TYR A 122 18.01 -23.26 21.46
CA TYR A 122 17.57 -22.09 22.21
C TYR A 122 18.12 -22.05 23.61
N ASP A 123 18.31 -23.20 24.26
CA ASP A 123 18.93 -23.22 25.58
C ASP A 123 20.35 -22.65 25.54
N ASN A 124 21.12 -23.03 24.54
CA ASN A 124 22.46 -22.50 24.40
C ASN A 124 22.44 -21.01 24.15
N ILE A 125 21.52 -20.54 23.29
CA ILE A 125 21.42 -19.10 23.04
C ILE A 125 21.07 -18.36 24.32
N ALA A 126 20.11 -18.89 25.07
CA ALA A 126 19.68 -18.21 26.29
C ALA A 126 20.81 -18.12 27.30
N ARG A 127 21.61 -19.16 27.40
CA ARG A 127 22.73 -19.10 28.34
C ARG A 127 23.74 -18.04 27.91
N VAL A 128 24.12 -18.07 26.64
CA VAL A 128 25.00 -17.05 26.07
C VAL A 128 24.47 -15.66 26.35
N LEU A 129 23.18 -15.41 26.06
CA LEU A 129 22.67 -14.05 26.21
C LEU A 129 22.54 -13.66 27.67
N SER A 130 22.30 -14.62 28.55
CA SER A 130 22.26 -14.25 29.97
C SER A 130 23.65 -13.85 30.46
N ALA A 131 24.69 -14.58 30.07
CA ALA A 131 26.05 -14.20 30.46
C ALA A 131 26.43 -12.87 29.82
N ALA A 132 26.07 -12.69 28.55
CA ALA A 132 26.37 -11.43 27.88
C ALA A 132 25.62 -10.28 28.52
N ALA A 133 24.36 -10.47 28.87
CA ALA A 133 23.60 -9.38 29.46
C ALA A 133 24.21 -8.95 30.80
N LYS A 134 24.69 -9.90 31.60
CA LYS A 134 25.34 -9.51 32.84
C LYS A 134 26.59 -8.69 32.54
N HIS A 135 27.37 -9.13 31.55
CA HIS A 135 28.59 -8.41 31.22
C HIS A 135 28.26 -7.01 30.71
N ALA A 136 27.22 -6.91 29.88
CA ALA A 136 26.77 -5.60 29.39
C ALA A 136 26.32 -4.71 30.54
N LYS A 137 25.51 -5.25 31.45
CA LYS A 137 25.06 -4.48 32.62
C LYS A 137 26.25 -3.92 33.40
N SER A 138 27.31 -4.70 33.54
CA SER A 138 28.48 -4.24 34.29
C SER A 138 29.21 -3.10 33.58
N ARG A 139 29.09 -3.00 32.26
CA ARG A 139 29.68 -1.90 31.52
C ARG A 139 28.68 -0.79 31.22
N GLY A 140 27.44 -0.89 31.69
CA GLY A 140 26.46 0.17 31.52
C GLY A 140 25.81 0.27 30.17
N ILE A 141 25.77 -0.82 29.39
CA ILE A 141 25.19 -0.81 28.06
C ILE A 141 24.09 -1.87 27.97
N GLU A 142 23.34 -1.83 26.87
CA GLU A 142 22.28 -2.79 26.61
C GLU A 142 22.68 -3.64 25.42
N LEU A 143 21.95 -4.73 25.26
CA LEU A 143 22.10 -5.64 24.14
C LEU A 143 20.80 -5.63 23.35
N GLY A 144 20.92 -5.78 22.05
CA GLY A 144 19.77 -5.85 21.13
C GLY A 144 19.81 -7.14 20.36
N VAL A 145 18.64 -7.79 20.25
CA VAL A 145 18.51 -9.02 19.49
C VAL A 145 17.81 -8.67 18.19
N GLU A 146 18.50 -8.79 17.05
CA GLU A 146 17.91 -8.43 15.76
C GLU A 146 17.26 -9.65 15.11
N ALA A 147 15.97 -9.55 14.81
CA ALA A 147 15.30 -10.58 14.02
C ALA A 147 15.71 -10.44 12.56
N VAL A 148 16.24 -11.52 11.97
CA VAL A 148 16.66 -11.56 10.57
C VAL A 148 15.92 -12.66 9.85
N ASN A 149 15.94 -12.60 8.52
CA ASN A 149 15.06 -13.48 7.78
C ASN A 149 15.58 -14.92 7.76
N ARG A 150 14.67 -15.79 7.34
CA ARG A 150 14.86 -17.23 7.38
C ARG A 150 16.12 -17.71 6.68
N TYR A 151 16.58 -16.97 5.66
CA TYR A 151 17.73 -17.45 4.91
C TYR A 151 19.06 -17.13 5.60
N GLU A 152 19.06 -16.16 6.49
CA GLU A 152 20.26 -15.71 7.15
C GLU A 152 20.51 -16.49 8.43
N ASN A 153 19.43 -16.95 9.06
CA ASN A 153 19.48 -17.60 10.35
C ASN A 153 18.13 -18.27 10.57
N HIS A 154 18.13 -19.49 11.10
CA HIS A 154 16.88 -20.22 11.26
C HIS A 154 16.30 -20.06 12.65
N LEU A 155 16.89 -19.22 13.49
CA LEU A 155 16.50 -19.22 14.90
C LEU A 155 15.59 -18.08 15.32
N ILE A 156 15.85 -16.84 14.90
CA ILE A 156 15.05 -15.70 15.33
C ILE A 156 14.75 -14.86 14.08
N ASN A 157 13.53 -14.99 13.57
CA ASN A 157 13.16 -14.37 12.31
C ASN A 157 12.06 -13.32 12.45
N THR A 158 11.30 -13.35 13.53
CA THR A 158 10.12 -12.52 13.72
C THR A 158 10.23 -11.77 15.03
N GLY A 159 9.49 -10.67 15.13
CA GLY A 159 9.40 -9.95 16.38
C GLY A 159 8.95 -10.86 17.50
N TRP A 160 7.98 -11.71 17.24
CA TRP A 160 7.45 -12.53 18.34
C TRP A 160 8.52 -13.52 18.81
N GLN A 161 9.29 -14.08 17.87
CA GLN A 161 10.38 -14.98 18.27
C GLN A 161 11.43 -14.24 19.10
N ALA A 162 11.77 -12.99 18.72
CA ALA A 162 12.75 -12.22 19.49
C ALA A 162 12.25 -11.98 20.91
N VAL A 163 10.99 -11.61 21.05
CA VAL A 163 10.43 -11.36 22.37
C VAL A 163 10.45 -12.65 23.19
N GLN A 164 10.16 -13.79 22.54
CA GLN A 164 10.18 -15.05 23.29
C GLN A 164 11.55 -15.26 23.91
N MET A 165 12.61 -15.06 23.13
CA MET A 165 13.97 -15.28 23.65
C MET A 165 14.26 -14.29 24.77
N ILE A 166 13.86 -13.03 24.59
CA ILE A 166 14.07 -12.05 25.66
C ILE A 166 13.37 -12.49 26.95
N GLU A 167 12.20 -13.13 26.82
CA GLU A 167 11.50 -13.61 28.01
C GLU A 167 12.20 -14.83 28.62
N ARG A 168 12.64 -15.76 27.77
CA ARG A 168 13.40 -16.90 28.26
C ARG A 168 14.65 -16.46 29.03
N VAL A 169 15.30 -15.39 28.58
CA VAL A 169 16.55 -14.98 29.22
C VAL A 169 16.29 -14.28 30.55
N GLY A 170 15.23 -13.48 30.62
CA GLY A 170 14.85 -12.85 31.87
C GLY A 170 15.67 -11.65 32.25
N ALA A 171 16.58 -11.20 31.39
CA ALA A 171 17.32 -9.98 31.64
C ALA A 171 16.49 -8.77 31.23
N ASP A 172 16.69 -7.67 31.93
CA ASP A 172 15.99 -6.42 31.64
C ASP A 172 16.78 -5.47 30.76
N ASN A 173 17.97 -5.84 30.27
CA ASN A 173 18.77 -4.94 29.45
C ASN A 173 18.99 -5.51 28.05
N ILE A 174 18.09 -6.39 27.59
CA ILE A 174 18.07 -6.88 26.22
C ILE A 174 16.81 -6.37 25.56
N PHE A 175 16.96 -5.68 24.42
CA PHE A 175 15.83 -5.16 23.65
C PHE A 175 15.76 -5.84 22.29
N VAL A 176 14.60 -5.64 21.63
CA VAL A 176 14.37 -6.14 20.29
C VAL A 176 14.78 -5.10 19.26
N HIS A 177 15.44 -5.57 18.21
CA HIS A 177 15.96 -4.78 17.10
C HIS A 177 15.29 -5.38 15.87
N LEU A 178 14.43 -4.59 15.22
CA LEU A 178 13.77 -5.03 14.00
C LEU A 178 14.42 -4.36 12.79
N ASP A 179 14.13 -4.91 11.60
CA ASP A 179 14.67 -4.40 10.34
C ASP A 179 13.56 -4.58 9.30
N THR A 180 13.14 -3.48 8.67
CA THR A 180 12.03 -3.54 7.73
C THR A 180 12.33 -4.44 6.54
N TYR A 181 13.60 -4.58 6.14
CA TYR A 181 13.94 -5.52 5.08
C TYR A 181 13.62 -6.95 5.50
N HIS A 182 13.93 -7.31 6.74
CA HIS A 182 13.66 -8.66 7.21
C HIS A 182 12.18 -8.85 7.46
N MET A 183 11.55 -7.83 8.05
CA MET A 183 10.12 -7.88 8.33
C MET A 183 9.30 -7.98 7.06
N ASN A 184 9.75 -7.35 5.98
CA ASN A 184 9.10 -7.41 4.68
C ASN A 184 8.92 -8.84 4.20
N ILE A 185 9.82 -9.73 4.62
CA ILE A 185 9.73 -11.15 4.34
C ILE A 185 9.01 -11.89 5.46
N GLU A 186 9.34 -11.58 6.71
CA GLU A 186 8.95 -12.48 7.81
C GLU A 186 7.61 -12.18 8.45
N GLU A 187 7.16 -10.92 8.46
CA GLU A 187 6.01 -10.54 9.28
C GLU A 187 4.72 -10.66 8.48
N LYS A 188 3.68 -11.19 9.14
CA LYS A 188 2.37 -11.44 8.53
C LYS A 188 1.57 -10.14 8.55
N GLY A 189 1.97 -9.25 7.65
CA GLY A 189 1.62 -7.84 7.75
C GLY A 189 2.74 -7.17 8.51
N VAL A 190 3.36 -6.16 7.92
CA VAL A 190 4.64 -5.67 8.45
C VAL A 190 4.46 -5.07 9.84
N GLY A 191 3.35 -4.41 10.07
CA GLY A 191 3.08 -3.84 11.39
C GLY A 191 3.03 -4.86 12.51
N ASN A 192 2.75 -6.13 12.20
CA ASN A 192 2.67 -7.12 13.27
C ASN A 192 4.01 -7.38 13.96
N GLY A 193 5.13 -7.20 13.26
CA GLY A 193 6.41 -7.33 13.93
C GLY A 193 6.60 -6.27 14.98
N ILE A 194 6.15 -5.05 14.68
CA ILE A 194 6.24 -3.92 15.61
C ILE A 194 5.29 -4.14 16.78
N LEU A 195 4.08 -4.58 16.47
CA LEU A 195 3.10 -4.87 17.50
C LEU A 195 3.59 -5.98 18.40
N ASP A 196 4.14 -7.05 17.82
CA ASP A 196 4.52 -8.18 18.67
C ASP A 196 5.68 -7.78 19.57
N ALA A 197 6.52 -6.87 19.12
CA ALA A 197 7.73 -6.48 19.84
C ALA A 197 7.55 -5.24 20.68
N ARG A 198 6.32 -4.74 20.79
CA ARG A 198 6.12 -3.38 21.28
C ARG A 198 6.68 -3.12 22.66
N GLU A 199 6.68 -4.12 23.54
CA GLU A 199 7.13 -3.85 24.91
C GLU A 199 8.65 -3.79 25.01
N HIS A 200 9.36 -4.30 24.00
CA HIS A 200 10.80 -4.42 24.04
C HIS A 200 11.50 -3.75 22.87
N LEU A 201 10.76 -3.07 21.99
CA LEU A 201 11.35 -2.53 20.77
C LEU A 201 12.04 -1.20 21.03
N LYS A 202 13.37 -1.13 20.80
CA LYS A 202 14.09 0.11 21.01
C LYS A 202 14.95 0.50 19.82
N TYR A 203 14.96 -0.27 18.74
CA TYR A 203 15.79 0.05 17.60
C TYR A 203 15.18 -0.54 16.35
N ILE A 204 15.16 0.22 15.24
CA ILE A 204 14.69 -0.35 13.99
C ILE A 204 15.56 0.11 12.83
N HIS A 205 15.99 -0.84 12.00
CA HIS A 205 16.64 -0.53 10.74
C HIS A 205 15.55 -0.19 9.72
N LEU A 206 15.64 1.00 9.15
CA LEU A 206 14.75 1.40 8.05
C LEU A 206 15.49 1.15 6.75
N SER A 207 15.25 -0.02 6.20
CA SER A 207 15.94 -0.53 5.02
C SER A 207 14.92 -0.91 3.98
N GLU A 208 15.19 -0.56 2.72
CA GLU A 208 14.26 -0.91 1.67
C GLU A 208 14.32 -2.42 1.38
N SER A 209 13.26 -2.91 0.77
CA SER A 209 13.08 -4.33 0.55
C SER A 209 14.21 -4.97 -0.22
N ASP A 210 14.95 -4.21 -1.02
CA ASP A 210 16.09 -4.73 -1.77
C ASP A 210 17.42 -4.21 -1.26
N ARG A 211 17.44 -3.64 -0.06
CA ARG A 211 18.59 -2.97 0.54
C ARG A 211 19.02 -1.73 -0.22
N GLY A 212 18.18 -1.22 -1.12
CA GLY A 212 18.54 -0.04 -1.87
C GLY A 212 18.12 1.26 -1.22
N THR A 213 17.24 1.98 -1.91
CA THR A 213 16.87 3.34 -1.51
C THR A 213 15.52 3.31 -0.82
N PRO A 214 15.44 3.69 0.45
CA PRO A 214 14.12 3.72 1.11
C PRO A 214 13.18 4.62 0.37
N GLY A 215 11.98 4.13 0.20
CA GLY A 215 10.92 4.80 -0.53
C GLY A 215 10.64 4.21 -1.90
N TYR A 216 11.53 3.38 -2.42
CA TYR A 216 11.58 2.93 -3.81
C TYR A 216 11.77 1.42 -3.83
N GLY A 217 10.91 0.73 -3.12
CA GLY A 217 10.89 -0.73 -3.11
C GLY A 217 9.51 -1.20 -2.78
N THR A 218 9.43 -2.27 -1.99
CA THR A 218 8.14 -2.82 -1.62
C THR A 218 7.80 -2.67 -0.15
N CYS A 219 8.66 -2.08 0.67
CA CYS A 219 8.28 -1.97 2.08
C CYS A 219 7.05 -1.08 2.24
N GLY A 220 6.20 -1.44 3.20
CA GLY A 220 4.97 -0.71 3.50
C GLY A 220 5.24 0.42 4.48
N TRP A 221 5.83 1.51 4.00
CA TRP A 221 6.35 2.52 4.89
C TRP A 221 5.26 3.20 5.70
N ASP A 222 4.12 3.47 5.09
CA ASP A 222 3.08 4.13 5.86
C ASP A 222 2.64 3.26 7.03
N GLU A 223 2.47 1.96 6.81
CA GLU A 223 2.06 1.07 7.90
C GLU A 223 3.16 1.00 8.97
N ILE A 224 4.41 0.99 8.52
CA ILE A 224 5.55 0.94 9.45
C ILE A 224 5.57 2.18 10.35
N PHE A 225 5.53 3.37 9.77
CA PHE A 225 5.63 4.58 10.57
C PHE A 225 4.38 4.81 11.41
N SER A 226 3.21 4.53 10.88
CA SER A 226 1.99 4.70 11.66
C SER A 226 2.02 3.78 12.89
N THR A 227 2.45 2.54 12.72
CA THR A 227 2.46 1.59 13.83
C THR A 227 3.56 1.95 14.84
N LEU A 228 4.71 2.42 14.36
CA LEU A 228 5.73 2.92 15.32
C LEU A 228 5.15 4.05 16.16
N ALA A 229 4.52 5.02 15.50
CA ALA A 229 3.95 6.13 16.24
C ALA A 229 2.87 5.66 17.20
N ALA A 230 2.08 4.70 16.76
CA ALA A 230 0.98 4.25 17.59
C ALA A 230 1.45 3.51 18.84
N ILE A 231 2.58 2.80 18.77
CA ILE A 231 3.08 2.14 19.97
C ILE A 231 3.95 3.07 20.82
N GLY A 232 4.07 4.33 20.42
CA GLY A 232 4.86 5.32 21.14
C GLY A 232 6.36 5.15 20.99
N PHE A 233 6.81 4.67 19.85
CA PHE A 233 8.21 4.32 19.72
C PHE A 233 9.06 5.57 19.93
N LYS A 234 10.07 5.46 20.80
CA LYS A 234 10.99 6.55 21.04
C LYS A 234 12.46 6.15 20.93
N GLY A 235 12.76 5.00 20.36
CA GLY A 235 14.11 4.53 20.17
C GLY A 235 14.74 5.00 18.88
N GLY A 236 15.74 4.26 18.42
CA GLY A 236 16.53 4.66 17.28
C GLY A 236 15.93 4.28 15.95
N LEU A 237 15.87 5.25 15.05
CA LEU A 237 15.50 5.05 13.66
C LEU A 237 16.78 5.10 12.83
N ALA A 238 17.22 3.94 12.34
CA ALA A 238 18.54 3.83 11.72
C ALA A 238 18.35 3.46 10.26
N MET A 239 18.78 4.36 9.38
CA MET A 239 18.78 4.06 7.96
C MET A 239 19.89 3.08 7.66
N GLU A 240 19.58 2.07 6.85
CA GLU A 240 20.59 1.11 6.40
C GLU A 240 20.41 0.83 4.92
N SER A 241 21.52 0.91 4.19
CA SER A 241 21.57 0.52 2.78
C SER A 241 22.89 -0.20 2.55
N PHE A 242 22.87 -1.15 1.63
CA PHE A 242 24.07 -1.90 1.28
C PHE A 242 24.88 -1.23 0.17
N ILE A 243 24.48 -0.05 -0.31
CA ILE A 243 25.22 0.67 -1.33
C ILE A 243 26.65 0.91 -0.86
N ASN A 244 27.61 0.65 -1.76
CA ASN A 244 29.03 0.90 -1.53
C ASN A 244 29.64 0.02 -0.44
N MET A 245 28.97 -1.07 -0.09
CA MET A 245 29.57 -2.01 0.86
C MET A 245 30.77 -2.71 0.23
N PRO A 246 31.81 -3.00 1.01
CA PRO A 246 32.96 -3.72 0.45
C PRO A 246 32.52 -5.06 -0.10
N PRO A 247 33.01 -5.45 -1.30
CA PRO A 247 32.44 -6.65 -1.95
C PRO A 247 32.49 -7.92 -1.12
N GLU A 248 33.54 -8.13 -0.31
CA GLU A 248 33.59 -9.34 0.52
C GLU A 248 32.38 -9.41 1.46
N VAL A 249 32.11 -8.33 2.19
CA VAL A 249 30.96 -8.26 3.08
C VAL A 249 29.66 -8.32 2.28
N ALA A 250 29.61 -7.61 1.15
CA ALA A 250 28.43 -7.63 0.28
C ALA A 250 28.06 -9.06 -0.13
N TYR A 251 29.00 -9.77 -0.76
CA TYR A 251 28.73 -11.13 -1.22
C TYR A 251 28.25 -12.01 -0.07
N GLY A 252 28.79 -11.81 1.14
CA GLY A 252 28.37 -12.62 2.28
C GLY A 252 26.91 -12.46 2.65
N LEU A 253 26.30 -11.31 2.30
CA LEU A 253 24.88 -11.01 2.54
C LEU A 253 24.03 -11.16 1.28
N ALA A 254 24.55 -11.86 0.28
CA ALA A 254 23.83 -12.19 -0.95
C ALA A 254 23.55 -10.95 -1.81
N VAL A 255 24.44 -9.97 -1.79
CA VAL A 255 24.39 -8.87 -2.75
C VAL A 255 25.16 -9.32 -3.99
N TRP A 256 24.44 -9.77 -5.01
CA TRP A 256 25.03 -10.25 -6.25
C TRP A 256 25.00 -9.22 -7.36
N ARG A 257 24.49 -8.02 -7.07
CA ARG A 257 24.31 -6.96 -8.05
C ARG A 257 24.10 -5.66 -7.29
N PRO A 258 24.33 -4.53 -7.94
CA PRO A 258 24.16 -3.25 -7.24
C PRO A 258 22.72 -3.11 -6.73
N VAL A 259 22.61 -2.66 -5.48
CA VAL A 259 21.31 -2.39 -4.87
C VAL A 259 20.73 -1.03 -5.25
N ALA A 260 21.56 -0.15 -5.83
CA ALA A 260 21.18 1.21 -6.18
C ALA A 260 22.32 1.83 -6.99
N LYS A 261 22.01 2.95 -7.66
CA LYS A 261 22.98 3.61 -8.53
C LYS A 261 24.24 4.03 -7.76
N ASP A 262 24.07 4.88 -6.76
CA ASP A 262 25.21 5.45 -6.05
C ASP A 262 24.69 6.03 -4.75
N GLU A 263 25.63 6.43 -3.89
CA GLU A 263 25.25 7.04 -2.62
C GLU A 263 24.34 8.24 -2.84
N GLU A 264 24.60 9.03 -3.88
CA GLU A 264 23.78 10.20 -4.12
C GLU A 264 22.31 9.82 -4.25
N GLU A 265 22.01 8.70 -4.91
CA GLU A 265 20.63 8.26 -4.99
C GLU A 265 20.12 7.82 -3.63
N VAL A 266 20.92 7.02 -2.91
CA VAL A 266 20.42 6.41 -1.69
C VAL A 266 20.20 7.46 -0.61
N MET A 267 21.23 8.29 -0.37
CA MET A 267 21.11 9.28 0.70
C MET A 267 20.31 10.49 0.27
N GLY A 268 20.40 10.86 -1.02
CA GLY A 268 19.70 12.04 -1.48
C GLY A 268 18.20 11.86 -1.60
N ASN A 269 17.75 10.65 -1.92
CA ASN A 269 16.32 10.35 -1.99
C ASN A 269 15.82 9.59 -0.75
N GLY A 270 16.62 8.66 -0.24
CA GLY A 270 16.15 7.82 0.85
C GLY A 270 16.07 8.52 2.18
N LEU A 271 17.05 9.35 2.50
CA LEU A 271 17.05 9.90 3.83
C LEU A 271 15.94 10.95 3.99
N PRO A 272 15.76 11.83 2.98
CA PRO A 272 14.59 12.75 3.05
C PRO A 272 13.28 12.01 3.10
N PHE A 273 13.16 10.93 2.34
CA PHE A 273 11.91 10.16 2.37
C PHE A 273 11.62 9.72 3.81
N LEU A 274 12.62 9.15 4.50
CA LEU A 274 12.39 8.58 5.82
C LEU A 274 12.18 9.67 6.84
N ARG A 275 12.96 10.76 6.77
CA ARG A 275 12.74 11.85 7.70
C ARG A 275 11.38 12.50 7.48
N ASN A 276 10.95 12.63 6.23
CA ASN A 276 9.64 13.21 5.97
C ASN A 276 8.51 12.33 6.52
N LYS A 277 8.64 11.00 6.40
CA LYS A 277 7.63 10.10 6.95
C LYS A 277 7.62 10.15 8.47
N ALA A 278 8.81 10.20 9.09
CA ALA A 278 8.90 10.33 10.53
C ALA A 278 8.17 11.57 11.01
N LYS A 279 8.35 12.69 10.30
CA LYS A 279 7.64 13.91 10.67
C LYS A 279 6.14 13.76 10.40
N GLN A 280 5.80 13.13 9.27
CA GLN A 280 4.39 12.96 8.89
C GLN A 280 3.60 12.27 9.98
N TYR A 281 4.17 11.25 10.60
CA TYR A 281 3.45 10.44 11.58
C TYR A 281 3.83 10.80 13.02
N GLY A 282 4.56 11.89 13.22
CA GLY A 282 4.75 12.38 14.57
C GLY A 282 5.82 11.70 15.39
N LEU A 283 6.74 10.97 14.76
CA LEU A 283 7.88 10.41 15.48
C LEU A 283 9.03 11.41 15.62
N ILE A 284 9.27 12.21 14.55
CA ILE A 284 10.41 13.14 14.42
C ILE A 284 11.70 12.57 14.99
N THR B 2 -20.71 0.72 25.71
CA THR B 2 -19.46 0.97 24.97
C THR B 2 -19.21 -0.20 24.02
N MET B 3 -19.39 0.06 22.72
CA MET B 3 -19.53 -1.02 21.76
C MET B 3 -18.20 -1.76 21.57
N GLN B 4 -18.32 -3.04 21.26
CA GLN B 4 -17.21 -3.96 21.13
C GLN B 4 -17.52 -4.97 20.02
N GLY B 5 -16.49 -5.41 19.34
CA GLY B 5 -16.64 -6.39 18.30
C GLY B 5 -17.03 -5.77 16.97
N PHE B 6 -17.66 -6.61 16.14
CA PHE B 6 -18.03 -6.30 14.77
C PHE B 6 -19.51 -6.04 14.65
N GLY B 7 -19.87 -5.00 13.92
CA GLY B 7 -21.24 -4.66 13.67
C GLY B 7 -21.40 -4.17 12.26
N VAL B 8 -22.63 -3.82 11.94
CA VAL B 8 -22.99 -3.36 10.61
C VAL B 8 -23.94 -2.21 10.76
N HIS B 9 -23.72 -1.18 9.95
CA HIS B 9 -24.72 -0.15 9.71
C HIS B 9 -25.84 -0.77 8.90
N THR B 10 -27.08 -0.63 9.37
CA THR B 10 -28.20 -1.35 8.75
C THR B 10 -28.69 -0.71 7.44
N SER B 11 -28.02 0.36 6.99
CA SER B 11 -28.32 0.96 5.68
C SER B 11 -28.52 -0.03 4.56
N MET B 12 -27.88 -1.19 4.61
CA MET B 12 -27.93 -2.18 3.58
C MET B 12 -29.24 -2.93 3.55
N TRP B 13 -30.06 -2.81 4.58
CA TRP B 13 -31.37 -3.47 4.60
C TRP B 13 -32.47 -2.50 4.94
N THR B 14 -32.13 -1.50 5.76
CA THR B 14 -33.12 -0.52 6.21
C THR B 14 -32.49 0.83 6.46
N MET B 15 -33.03 1.87 5.85
CA MET B 15 -32.83 3.22 6.33
C MET B 15 -34.08 3.79 7.00
N ASN B 16 -35.25 3.26 6.63
CA ASN B 16 -36.51 3.54 7.33
C ASN B 16 -36.70 2.55 8.48
N TRP B 17 -36.46 3.00 9.72
CA TRP B 17 -36.54 2.08 10.87
C TRP B 17 -37.99 1.99 11.40
N ASP B 18 -38.86 1.52 10.55
CA ASP B 18 -40.23 1.22 10.94
C ASP B 18 -40.27 -0.23 11.42
N ARG B 19 -41.47 -0.78 11.62
CA ARG B 19 -41.55 -2.12 12.19
C ARG B 19 -40.98 -3.18 11.26
N PRO B 20 -41.42 -3.29 10.02
CA PRO B 20 -40.82 -4.31 9.14
C PRO B 20 -39.35 -4.04 8.88
N GLY B 21 -38.94 -2.77 8.88
CA GLY B 21 -37.53 -2.47 8.62
C GLY B 21 -36.64 -2.95 9.75
N ALA B 22 -37.04 -2.69 10.99
CA ALA B 22 -36.30 -3.22 12.12
C ALA B 22 -36.21 -4.74 12.06
N GLU B 23 -37.33 -5.41 11.73
CA GLU B 23 -37.31 -6.87 11.63
C GLU B 23 -36.28 -7.33 10.62
N ARG B 24 -36.31 -6.73 9.43
CA ARG B 24 -35.42 -7.11 8.33
C ARG B 24 -33.95 -6.90 8.69
N ALA B 25 -33.64 -5.78 9.32
CA ALA B 25 -32.26 -5.50 9.68
C ALA B 25 -31.76 -6.45 10.75
N VAL B 26 -32.56 -6.70 11.79
CA VAL B 26 -32.14 -7.60 12.85
C VAL B 26 -31.91 -9.00 12.29
N ALA B 27 -32.75 -9.43 11.35
CA ALA B 27 -32.60 -10.75 10.74
C ALA B 27 -31.28 -10.87 9.97
N ALA B 28 -30.95 -9.86 9.17
CA ALA B 28 -29.68 -9.83 8.48
C ALA B 28 -28.52 -9.84 9.46
N ALA B 29 -28.62 -9.06 10.52
CA ALA B 29 -27.57 -9.05 11.53
C ALA B 29 -27.33 -10.45 12.08
N LEU B 30 -28.39 -11.21 12.32
CA LEU B 30 -28.23 -12.56 12.82
C LEU B 30 -27.58 -13.45 11.76
N LYS B 31 -28.02 -13.31 10.51
CA LYS B 31 -27.46 -14.15 9.45
C LYS B 31 -25.96 -13.95 9.33
N TYR B 32 -25.50 -12.72 9.46
CA TYR B 32 -24.07 -12.42 9.36
C TYR B 32 -23.35 -12.51 10.69
N GLU B 33 -24.05 -12.83 11.78
CA GLU B 33 -23.46 -13.17 13.07
C GLU B 33 -22.64 -12.01 13.64
N VAL B 34 -23.19 -10.83 13.54
CA VAL B 34 -22.50 -9.66 14.02
C VAL B 34 -22.82 -9.48 15.49
N ASP B 35 -22.01 -8.68 16.14
CA ASP B 35 -22.13 -8.41 17.57
C ASP B 35 -23.04 -7.24 17.88
N PHE B 36 -23.21 -6.30 16.95
CA PHE B 36 -24.10 -5.17 17.18
C PHE B 36 -24.54 -4.63 15.84
N ILE B 37 -25.56 -3.77 15.89
CA ILE B 37 -26.04 -3.06 14.72
C ILE B 37 -26.00 -1.58 15.05
N GLU B 38 -25.85 -0.79 14.00
CA GLU B 38 -25.98 0.65 14.06
C GLU B 38 -27.28 1.02 13.38
N ILE B 39 -28.16 1.70 14.12
CA ILE B 39 -29.50 2.00 13.66
C ILE B 39 -29.51 3.47 13.20
N PRO B 40 -29.67 3.73 11.92
CA PRO B 40 -29.88 5.11 11.49
C PRO B 40 -31.27 5.57 11.91
N MET B 41 -31.35 6.77 12.45
CA MET B 41 -32.62 7.36 12.84
C MET B 41 -32.89 8.59 12.00
N LEU B 42 -33.44 8.36 10.80
CA LEU B 42 -33.86 9.47 9.94
C LEU B 42 -34.94 10.32 10.60
N ASN B 43 -35.82 9.69 11.37
CA ASN B 43 -37.00 10.34 11.93
C ASN B 43 -37.22 9.79 13.33
N PRO B 44 -36.45 10.27 14.31
CA PRO B 44 -36.44 9.61 15.64
C PRO B 44 -37.82 9.56 16.27
N PRO B 45 -38.66 10.61 16.10
CA PRO B 45 -40.02 10.53 16.69
C PRO B 45 -40.80 9.28 16.34
N ALA B 46 -40.70 8.79 15.09
CA ALA B 46 -41.52 7.67 14.61
C ALA B 46 -41.02 6.29 15.04
N VAL B 47 -39.89 6.19 15.72
CA VAL B 47 -39.34 4.90 16.09
C VAL B 47 -40.15 4.31 17.24
N ASP B 48 -40.55 3.04 17.10
CA ASP B 48 -41.23 2.28 18.14
C ASP B 48 -40.16 1.69 19.05
N THR B 49 -39.87 2.39 20.15
CA THR B 49 -38.78 1.97 21.03
C THR B 49 -39.04 0.58 21.60
N GLU B 50 -40.29 0.30 21.96
CA GLU B 50 -40.62 -0.96 22.63
C GLU B 50 -40.36 -2.15 21.73
N HIS B 51 -40.74 -2.03 20.46
CA HIS B 51 -40.54 -3.11 19.51
C HIS B 51 -39.07 -3.36 19.26
N THR B 52 -38.27 -2.30 19.14
CA THR B 52 -36.85 -2.51 18.86
C THR B 52 -36.16 -3.03 20.10
N ARG B 53 -36.48 -2.47 21.27
CA ARG B 53 -35.87 -2.97 22.50
C ARG B 53 -36.13 -4.46 22.64
N ALA B 54 -37.39 -4.88 22.44
CA ALA B 54 -37.75 -6.28 22.54
C ALA B 54 -36.99 -7.14 21.55
N LEU B 55 -36.79 -6.64 20.31
CA LEU B 55 -36.07 -7.40 19.31
C LEU B 55 -34.60 -7.57 19.68
N LEU B 56 -33.97 -6.50 20.17
CA LEU B 56 -32.54 -6.55 20.48
C LEU B 56 -32.30 -7.47 21.66
N GLU B 57 -33.09 -7.31 22.72
CA GLU B 57 -32.98 -8.17 23.90
C GLU B 57 -33.17 -9.63 23.52
N LYS B 58 -34.17 -9.93 22.72
CA LYS B 58 -34.51 -11.31 22.40
C LYS B 58 -33.40 -12.00 21.58
N ASN B 59 -32.72 -11.24 20.72
CA ASN B 59 -31.67 -11.80 19.88
C ASN B 59 -30.28 -11.52 20.44
N GLU B 60 -30.18 -10.98 21.64
CA GLU B 60 -28.90 -10.67 22.27
C GLU B 60 -28.03 -9.85 21.33
N LEU B 61 -28.62 -8.77 20.79
CA LEU B 61 -27.96 -7.87 19.86
C LEU B 61 -27.80 -6.52 20.52
N ARG B 62 -26.57 -6.01 20.54
CA ARG B 62 -26.37 -4.65 21.02
C ARG B 62 -26.61 -3.68 19.88
N ALA B 63 -26.80 -2.41 20.24
CA ALA B 63 -27.06 -1.41 19.22
C ALA B 63 -26.60 -0.05 19.68
N LEU B 64 -26.28 0.81 18.71
CA LEU B 64 -26.24 2.24 18.89
C LEU B 64 -26.97 2.84 17.71
N CYS B 65 -27.24 4.13 17.80
CA CYS B 65 -27.97 4.85 16.76
C CYS B 65 -27.08 5.94 16.20
N SER B 66 -27.41 6.39 14.99
CA SER B 66 -26.67 7.50 14.38
C SER B 66 -27.65 8.37 13.61
N LEU B 67 -27.28 9.62 13.42
CA LEU B 67 -28.07 10.54 12.62
C LEU B 67 -27.17 11.64 12.08
N GLY B 68 -27.71 12.41 11.16
CA GLY B 68 -27.20 13.72 10.80
C GLY B 68 -28.30 14.73 11.02
N LEU B 69 -27.94 15.93 11.48
CA LEU B 69 -28.94 16.95 11.81
C LEU B 69 -29.60 17.46 10.55
N PRO B 70 -30.94 17.55 10.50
CA PRO B 70 -31.59 18.20 9.36
C PRO B 70 -31.30 19.69 9.35
N GLU B 71 -31.49 20.29 8.17
CA GLU B 71 -31.11 21.69 8.00
C GLU B 71 -31.81 22.59 9.02
N ARG B 72 -33.09 22.37 9.28
CA ARG B 72 -33.75 23.21 10.27
C ARG B 72 -33.06 23.15 11.64
N ALA B 73 -32.16 22.19 11.87
CA ALA B 73 -31.54 22.01 13.18
C ALA B 73 -30.01 21.97 13.15
N TRP B 74 -29.37 22.49 12.10
CA TRP B 74 -27.90 22.51 12.07
C TRP B 74 -27.34 23.31 13.26
N ALA B 75 -26.53 22.65 14.09
CA ALA B 75 -26.06 23.27 15.33
C ALA B 75 -25.28 24.57 15.08
N SER B 76 -24.53 24.65 13.98
CA SER B 76 -23.64 25.78 13.81
C SER B 76 -24.41 27.10 13.73
N VAL B 77 -25.67 27.05 13.27
CA VAL B 77 -26.44 28.27 13.08
C VAL B 77 -27.75 28.28 13.85
N ARG B 78 -28.30 27.11 14.16
CA ARG B 78 -29.57 27.00 14.87
C ARG B 78 -29.41 26.10 16.09
N PRO B 79 -28.65 26.56 17.08
CA PRO B 79 -28.26 25.68 18.18
C PRO B 79 -29.43 25.24 19.06
N ASP B 80 -30.48 26.06 19.20
CA ASP B 80 -31.62 25.68 20.02
C ASP B 80 -32.39 24.53 19.38
N ALA B 81 -32.68 24.63 18.10
CA ALA B 81 -33.30 23.52 17.40
C ALA B 81 -32.42 22.27 17.47
N ALA B 82 -31.11 22.42 17.31
CA ALA B 82 -30.22 21.27 17.40
C ALA B 82 -30.37 20.57 18.75
N ILE B 83 -30.35 21.34 19.83
CA ILE B 83 -30.45 20.72 21.15
C ILE B 83 -31.77 19.96 21.28
N GLU B 84 -32.85 20.56 20.77
CA GLU B 84 -34.16 19.92 20.81
C GLU B 84 -34.14 18.60 20.05
N HIS B 85 -33.57 18.64 18.84
CA HIS B 85 -33.54 17.44 17.99
C HIS B 85 -32.68 16.36 18.60
N LEU B 86 -31.55 16.75 19.19
CA LEU B 86 -30.69 15.75 19.81
C LEU B 86 -31.34 15.16 21.05
N LYS B 87 -32.07 15.97 21.83
CA LYS B 87 -32.66 15.45 23.07
C LYS B 87 -33.69 14.38 22.75
N VAL B 88 -34.49 14.60 21.72
CA VAL B 88 -35.43 13.57 21.27
C VAL B 88 -34.68 12.32 20.84
N ALA B 89 -33.64 12.47 20.03
CA ALA B 89 -32.93 11.28 19.54
C ALA B 89 -32.19 10.57 20.67
N ILE B 90 -31.69 11.32 21.66
CA ILE B 90 -31.05 10.69 22.81
C ILE B 90 -32.06 9.85 23.58
N ASP B 91 -33.24 10.41 23.82
CA ASP B 91 -34.27 9.68 24.55
C ASP B 91 -34.67 8.40 23.80
N LYS B 92 -34.90 8.52 22.49
CA LYS B 92 -35.24 7.35 21.67
C LYS B 92 -34.14 6.29 21.71
N THR B 93 -32.89 6.71 21.55
CA THR B 93 -31.78 5.74 21.59
C THR B 93 -31.73 5.03 22.94
N ALA B 94 -31.83 5.80 24.01
CA ALA B 94 -31.79 5.19 25.34
C ALA B 94 -32.93 4.19 25.52
N ASP B 95 -34.12 4.56 25.02
CA ASP B 95 -35.33 3.77 25.28
C ASP B 95 -35.27 2.44 24.54
N LEU B 96 -34.75 2.45 23.30
CA LEU B 96 -34.69 1.21 22.54
C LEU B 96 -33.52 0.32 22.95
N GLY B 97 -32.71 0.76 23.90
CA GLY B 97 -31.58 -0.02 24.36
C GLY B 97 -30.24 0.33 23.74
N GLY B 98 -30.17 1.43 22.97
CA GLY B 98 -28.92 1.81 22.35
C GLY B 98 -27.94 2.43 23.33
N GLU B 99 -26.66 2.21 23.09
CA GLU B 99 -25.63 2.60 24.04
C GLU B 99 -25.01 3.93 23.72
N ALA B 100 -25.34 4.49 22.57
CA ALA B 100 -24.71 5.70 22.11
C ALA B 100 -25.53 6.22 20.95
N LEU B 101 -25.46 7.52 20.77
CA LEU B 101 -25.93 8.21 19.57
C LEU B 101 -24.71 8.87 18.94
N SER B 102 -24.38 8.46 17.72
CA SER B 102 -23.16 8.94 17.05
C SER B 102 -23.51 9.50 15.68
N GLY B 103 -22.48 9.92 14.96
CA GLY B 103 -22.69 10.44 13.63
C GLY B 103 -22.42 11.92 13.52
N VAL B 104 -23.06 12.56 12.56
CA VAL B 104 -22.93 13.99 12.37
C VAL B 104 -23.94 14.64 13.32
N ILE B 105 -23.67 14.57 14.63
CA ILE B 105 -24.57 15.13 15.63
C ILE B 105 -24.32 16.60 15.88
N TYR B 106 -23.32 17.17 15.21
CA TYR B 106 -22.88 18.55 15.36
C TYR B 106 -23.22 19.41 14.16
N GLY B 107 -23.83 18.83 13.14
CA GLY B 107 -24.23 19.61 11.99
C GLY B 107 -24.95 18.73 11.01
N GLY B 108 -24.98 19.16 9.75
CA GLY B 108 -25.68 18.37 8.76
C GLY B 108 -24.83 17.98 7.56
N ILE B 109 -25.25 16.93 6.85
CA ILE B 109 -24.76 16.69 5.50
C ILE B 109 -25.31 17.79 4.60
N GLY B 110 -24.43 18.49 3.90
CA GLY B 110 -24.81 19.61 3.07
C GLY B 110 -24.40 20.96 3.61
N GLU B 111 -23.87 21.04 4.82
CA GLU B 111 -23.39 22.33 5.31
C GLU B 111 -22.15 22.75 4.52
N ARG B 112 -22.13 24.00 4.10
CA ARG B 112 -21.01 24.59 3.38
C ARG B 112 -21.22 26.09 3.23
N THR B 113 -20.29 26.88 3.77
CA THR B 113 -20.34 28.33 3.66
C THR B 113 -19.48 28.88 2.55
N GLY B 114 -18.48 28.09 2.14
CA GLY B 114 -17.55 28.51 1.14
C GLY B 114 -16.28 29.08 1.71
N VAL B 115 -16.18 29.16 3.04
CA VAL B 115 -15.02 29.75 3.71
C VAL B 115 -14.67 28.84 4.88
N PRO B 116 -13.49 28.97 5.49
CA PRO B 116 -13.16 28.09 6.63
C PRO B 116 -14.17 28.21 7.74
N PRO B 117 -14.30 27.17 8.54
CA PRO B 117 -15.16 27.24 9.73
C PRO B 117 -14.67 28.29 10.71
N THR B 118 -15.61 28.96 11.37
CA THR B 118 -15.32 30.08 12.24
C THR B 118 -15.48 29.72 13.71
N GLU B 119 -14.87 30.54 14.55
CA GLU B 119 -15.00 30.35 15.99
C GLU B 119 -16.45 30.45 16.43
N ALA B 120 -17.23 31.30 15.76
CA ALA B 120 -18.65 31.44 16.09
C ALA B 120 -19.41 30.14 15.82
N GLU B 121 -19.12 29.52 14.68
CA GLU B 121 -19.74 28.23 14.39
C GLU B 121 -19.35 27.21 15.44
N TYR B 122 -18.07 27.12 15.77
CA TYR B 122 -17.63 26.14 16.76
C TYR B 122 -18.24 26.43 18.13
N ASP B 123 -18.42 27.72 18.48
CA ASP B 123 -19.01 28.07 19.77
C ASP B 123 -20.43 27.52 19.88
N ASN B 124 -21.24 27.74 18.86
CA ASN B 124 -22.57 27.16 18.86
C ASN B 124 -22.52 25.65 18.99
N ILE B 125 -21.60 24.99 18.28
CA ILE B 125 -21.58 23.53 18.30
C ILE B 125 -21.23 23.04 19.69
N ALA B 126 -20.26 23.66 20.33
CA ALA B 126 -19.90 23.27 21.69
C ALA B 126 -21.07 23.47 22.65
N ARG B 127 -21.83 24.54 22.46
CA ARG B 127 -23.01 24.74 23.31
C ARG B 127 -23.95 23.56 23.16
N VAL B 128 -24.27 23.22 21.92
CA VAL B 128 -25.17 22.11 21.62
C VAL B 128 -24.62 20.81 22.21
N LEU B 129 -23.37 20.49 21.92
CA LEU B 129 -22.86 19.20 22.36
C LEU B 129 -22.82 19.14 23.89
N SER B 130 -22.45 20.26 24.52
CA SER B 130 -22.39 20.30 25.98
C SER B 130 -23.74 19.98 26.60
N ALA B 131 -24.82 20.57 26.05
CA ALA B 131 -26.18 20.29 26.50
C ALA B 131 -26.59 18.86 26.21
N ALA B 132 -26.37 18.39 24.97
CA ALA B 132 -26.74 17.03 24.62
C ALA B 132 -25.97 16.02 25.47
N ALA B 133 -24.71 16.32 25.77
CA ALA B 133 -23.93 15.36 26.55
C ALA B 133 -24.48 15.24 27.97
N LYS B 134 -24.87 16.38 28.55
CA LYS B 134 -25.60 16.39 29.82
C LYS B 134 -26.80 15.45 29.75
N HIS B 135 -27.67 15.70 28.77
CA HIS B 135 -28.85 14.85 28.59
C HIS B 135 -28.50 13.39 28.35
N ALA B 136 -27.44 13.12 27.58
CA ALA B 136 -27.06 11.74 27.35
C ALA B 136 -26.55 11.09 28.63
N LYS B 137 -25.83 11.84 29.46
CA LYS B 137 -25.41 11.31 30.75
C LYS B 137 -26.62 10.92 31.58
N SER B 138 -27.67 11.73 31.51
CA SER B 138 -28.89 11.47 32.28
C SER B 138 -29.55 10.17 31.85
N ARG B 139 -29.36 9.75 30.59
CA ARG B 139 -29.99 8.54 30.09
C ARG B 139 -29.02 7.37 30.01
N GLY B 140 -27.77 7.56 30.40
CA GLY B 140 -26.85 6.46 30.49
C GLY B 140 -26.17 6.10 29.19
N ILE B 141 -26.15 7.00 28.21
CA ILE B 141 -25.50 6.76 26.93
C ILE B 141 -24.41 7.81 26.68
N GLU B 142 -23.56 7.50 25.68
CA GLU B 142 -22.51 8.39 25.21
C GLU B 142 -22.91 8.97 23.84
N LEU B 143 -22.23 10.06 23.47
CA LEU B 143 -22.37 10.70 22.18
C LEU B 143 -21.08 10.51 21.39
N GLY B 144 -21.23 10.38 20.08
CA GLY B 144 -20.10 10.17 19.18
C GLY B 144 -20.09 11.27 18.13
N VAL B 145 -18.91 11.84 17.90
CA VAL B 145 -18.72 12.92 16.93
C VAL B 145 -17.99 12.30 15.74
N GLU B 146 -18.68 12.20 14.60
CA GLU B 146 -18.13 11.57 13.40
C GLU B 146 -17.48 12.62 12.50
N ALA B 147 -16.18 12.48 12.27
CA ALA B 147 -15.50 13.29 11.28
C ALA B 147 -15.90 12.83 9.88
N VAL B 148 -16.39 13.76 9.05
CA VAL B 148 -16.78 13.46 7.66
C VAL B 148 -16.03 14.38 6.71
N ASN B 149 -16.03 14.01 5.44
CA ASN B 149 -15.15 14.71 4.52
C ASN B 149 -15.66 16.12 4.20
N ARG B 150 -14.75 16.91 3.65
CA ARG B 150 -14.91 18.32 3.37
C ARG B 150 -16.15 18.64 2.56
N TYR B 151 -16.61 17.71 1.74
CA TYR B 151 -17.75 18.01 0.90
C TYR B 151 -19.08 17.86 1.62
N GLU B 152 -19.13 17.10 2.70
CA GLU B 152 -20.38 16.87 3.41
C GLU B 152 -20.63 17.92 4.49
N ASN B 153 -19.55 18.43 5.07
CA ASN B 153 -19.60 19.34 6.19
C ASN B 153 -18.25 20.03 6.24
N HIS B 154 -18.24 21.34 6.53
CA HIS B 154 -16.98 22.08 6.54
C HIS B 154 -16.38 22.25 7.92
N LEU B 155 -16.96 21.63 8.95
CA LEU B 155 -16.60 21.92 10.34
C LEU B 155 -15.71 20.87 11.01
N ILE B 156 -15.99 19.59 10.83
CA ILE B 156 -15.20 18.55 11.49
C ILE B 156 -14.91 17.48 10.45
N ASN B 157 -13.69 17.50 9.92
CA ASN B 157 -13.30 16.59 8.83
C ASN B 157 -12.21 15.60 9.24
N THR B 158 -11.44 15.88 10.28
CA THR B 158 -10.33 15.05 10.66
C THR B 158 -10.47 14.60 12.11
N GLY B 159 -9.77 13.52 12.43
CA GLY B 159 -9.67 13.09 13.81
C GLY B 159 -9.18 14.21 14.73
N TRP B 160 -8.24 15.05 14.24
CA TRP B 160 -7.69 16.07 15.13
C TRP B 160 -8.71 17.17 15.37
N GLN B 161 -9.50 17.51 14.35
CA GLN B 161 -10.56 18.49 14.57
C GLN B 161 -11.61 17.96 15.53
N ALA B 162 -11.92 16.67 15.43
CA ALA B 162 -12.92 16.08 16.34
C ALA B 162 -12.40 16.13 17.77
N VAL B 163 -11.13 15.78 17.97
CA VAL B 163 -10.55 15.81 19.32
C VAL B 163 -10.56 17.23 19.86
N GLN B 164 -10.28 18.21 19.01
CA GLN B 164 -10.34 19.60 19.45
C GLN B 164 -11.74 19.98 19.92
N MET B 165 -12.76 19.49 19.24
CA MET B 165 -14.13 19.79 19.68
C MET B 165 -14.44 19.10 21.00
N ILE B 166 -13.99 17.86 21.16
CA ILE B 166 -14.24 17.16 22.42
C ILE B 166 -13.51 17.85 23.58
N GLU B 167 -12.33 18.40 23.31
CA GLU B 167 -11.61 19.15 24.34
C GLU B 167 -12.33 20.46 24.64
N ARG B 168 -12.85 21.13 23.62
CA ARG B 168 -13.62 22.34 23.82
C ARG B 168 -14.83 22.09 24.72
N VAL B 169 -15.52 20.98 24.53
CA VAL B 169 -16.74 20.73 25.31
C VAL B 169 -16.39 20.29 26.72
N GLY B 170 -15.28 19.58 26.89
CA GLY B 170 -14.89 19.17 28.22
C GLY B 170 -15.77 18.14 28.89
N ALA B 171 -16.65 17.48 28.14
CA ALA B 171 -17.44 16.40 28.71
C ALA B 171 -16.61 15.12 28.72
N ASP B 172 -17.11 14.12 29.42
CA ASP B 172 -16.41 12.85 29.52
C ASP B 172 -17.10 11.74 28.75
N ASN B 173 -18.30 11.99 28.24
CA ASN B 173 -19.11 10.99 27.57
C ASN B 173 -19.33 11.31 26.09
N ILE B 174 -18.39 12.03 25.48
CA ILE B 174 -18.36 12.23 24.03
C ILE B 174 -17.09 11.58 23.49
N PHE B 175 -17.24 10.68 22.52
CA PHE B 175 -16.13 9.99 21.90
C PHE B 175 -16.00 10.40 20.43
N VAL B 176 -14.85 10.03 19.85
CA VAL B 176 -14.63 10.23 18.42
C VAL B 176 -15.05 8.99 17.64
N HIS B 177 -15.68 9.23 16.50
CA HIS B 177 -16.16 8.22 15.55
C HIS B 177 -15.48 8.54 14.22
N LEU B 178 -14.63 7.63 13.73
CA LEU B 178 -13.94 7.81 12.46
C LEU B 178 -14.58 6.96 11.38
N ASP B 179 -14.28 7.24 10.13
CA ASP B 179 -14.84 6.48 9.00
C ASP B 179 -13.75 6.39 7.94
N THR B 180 -13.38 5.17 7.56
CA THR B 180 -12.24 4.99 6.68
C THR B 180 -12.47 5.64 5.33
N TYR B 181 -13.72 5.73 4.90
CA TYR B 181 -14.04 6.40 3.65
C TYR B 181 -13.75 7.89 3.74
N HIS B 182 -14.11 8.52 4.83
CA HIS B 182 -13.79 9.93 5.00
C HIS B 182 -12.30 10.12 5.24
N MET B 183 -11.68 9.23 6.01
CA MET B 183 -10.28 9.40 6.32
C MET B 183 -9.43 9.25 5.08
N ASN B 184 -9.89 8.42 4.14
CA ASN B 184 -9.19 8.19 2.87
C ASN B 184 -9.04 9.49 2.09
N ILE B 185 -9.94 10.45 2.30
CA ILE B 185 -9.83 11.78 1.73
C ILE B 185 -9.08 12.73 2.67
N GLU B 186 -9.45 12.74 3.96
CA GLU B 186 -9.05 13.83 4.83
C GLU B 186 -7.74 13.64 5.56
N GLU B 187 -7.32 12.40 5.82
CA GLU B 187 -6.18 12.21 6.71
C GLU B 187 -4.86 12.17 5.95
N LYS B 188 -3.85 12.82 6.52
CA LYS B 188 -2.52 12.90 5.89
C LYS B 188 -1.74 11.62 6.19
N GLY B 189 -2.15 10.57 5.48
CA GLY B 189 -1.80 9.22 5.86
C GLY B 189 -2.91 8.72 6.74
N VAL B 190 -3.52 7.58 6.41
CA VAL B 190 -4.81 7.26 7.02
C VAL B 190 -4.65 6.96 8.50
N GLY B 191 -3.52 6.36 8.89
CA GLY B 191 -3.24 6.09 10.29
C GLY B 191 -3.21 7.32 11.17
N ASN B 192 -2.95 8.48 10.61
CA ASN B 192 -2.91 9.70 11.42
C ASN B 192 -4.26 10.07 12.01
N GLY B 193 -5.36 9.72 11.34
CA GLY B 193 -6.65 10.00 11.94
C GLY B 193 -6.86 9.21 13.22
N ILE B 194 -6.44 7.94 13.20
CA ILE B 194 -6.51 7.07 14.37
C ILE B 194 -5.55 7.56 15.44
N LEU B 195 -4.30 7.85 15.04
CA LEU B 195 -3.33 8.40 15.99
C LEU B 195 -3.85 9.65 16.66
N ASP B 196 -4.38 10.60 15.87
CA ASP B 196 -4.82 11.86 16.45
C ASP B 196 -6.00 11.67 17.39
N ALA B 197 -6.85 10.68 17.14
CA ALA B 197 -8.03 10.48 17.98
C ALA B 197 -7.81 9.40 19.04
N ARG B 198 -6.58 8.91 19.21
CA ARG B 198 -6.36 7.68 19.97
C ARG B 198 -6.94 7.73 21.38
N GLU B 199 -6.93 8.89 22.03
CA GLU B 199 -7.43 8.98 23.40
C GLU B 199 -8.95 8.96 23.49
N HIS B 200 -9.64 9.13 22.36
CA HIS B 200 -11.07 9.26 22.35
C HIS B 200 -11.76 8.36 21.37
N LEU B 201 -11.02 7.52 20.64
CA LEU B 201 -11.62 6.75 19.55
C LEU B 201 -12.33 5.54 20.12
N LYS B 202 -13.63 5.45 19.87
CA LYS B 202 -14.43 4.34 20.39
C LYS B 202 -15.24 3.63 19.31
N TYR B 203 -15.25 4.14 18.08
CA TYR B 203 -16.10 3.62 17.02
C TYR B 203 -15.46 3.94 15.69
N ILE B 204 -15.42 2.99 14.76
CA ILE B 204 -14.95 3.29 13.41
C ILE B 204 -15.80 2.58 12.38
N HIS B 205 -16.24 3.32 11.36
CA HIS B 205 -16.85 2.74 10.18
C HIS B 205 -15.76 2.20 9.27
N LEU B 206 -15.85 0.90 8.95
CA LEU B 206 -14.91 0.24 8.03
C LEU B 206 -15.64 0.22 6.70
N SER B 207 -15.35 1.21 5.87
CA SER B 207 -16.06 1.44 4.63
C SER B 207 -15.06 1.68 3.52
N GLU B 208 -15.28 1.06 2.38
CA GLU B 208 -14.35 1.20 1.27
C GLU B 208 -14.40 2.61 0.69
N SER B 209 -13.33 2.94 -0.05
CA SER B 209 -13.12 4.28 -0.56
C SER B 209 -14.25 4.79 -1.46
N ASP B 210 -14.95 3.88 -2.13
CA ASP B 210 -16.06 4.20 -3.02
C ASP B 210 -17.41 3.80 -2.42
N ARG B 211 -17.46 3.45 -1.13
CA ARG B 211 -18.59 2.95 -0.38
C ARG B 211 -19.04 1.58 -0.86
N GLY B 212 -18.21 0.87 -1.61
CA GLY B 212 -18.58 -0.43 -2.14
C GLY B 212 -18.18 -1.55 -1.21
N THR B 213 -17.30 -2.43 -1.69
CA THR B 213 -16.95 -3.67 -0.98
C THR B 213 -15.61 -3.50 -0.30
N PRO B 214 -15.55 -3.56 1.03
CA PRO B 214 -14.24 -3.46 1.72
C PRO B 214 -13.25 -4.48 1.20
N GLY B 215 -12.06 -3.98 0.92
CA GLY B 215 -10.99 -4.78 0.38
C GLY B 215 -10.73 -4.55 -1.09
N TYR B 216 -11.65 -3.88 -1.79
CA TYR B 216 -11.66 -3.72 -3.24
C TYR B 216 -11.84 -2.26 -3.60
N GLY B 217 -11.00 -1.42 -3.03
CA GLY B 217 -10.96 0.00 -3.38
C GLY B 217 -9.58 0.54 -3.10
N THR B 218 -9.50 1.73 -2.52
CA THR B 218 -8.20 2.33 -2.26
C THR B 218 -7.86 2.53 -0.80
N CYS B 219 -8.71 2.12 0.13
CA CYS B 219 -8.35 2.31 1.53
C CYS B 219 -7.15 1.44 1.89
N GLY B 220 -6.27 2.01 2.71
CA GLY B 220 -5.10 1.31 3.20
C GLY B 220 -5.41 0.46 4.41
N TRP B 221 -5.98 -0.71 4.16
CA TRP B 221 -6.51 -1.52 5.26
C TRP B 221 -5.41 -2.01 6.20
N ASP B 222 -4.23 -2.34 5.69
CA ASP B 222 -3.21 -2.86 6.62
C ASP B 222 -2.76 -1.78 7.59
N GLU B 223 -2.55 -0.57 7.08
CA GLU B 223 -2.24 0.57 7.95
C GLU B 223 -3.37 0.81 8.94
N ILE B 224 -4.62 0.77 8.47
CA ILE B 224 -5.76 1.00 9.36
C ILE B 224 -5.75 -0.02 10.51
N PHE B 225 -5.73 -1.31 10.17
CA PHE B 225 -5.85 -2.31 11.20
C PHE B 225 -4.62 -2.37 12.09
N SER B 226 -3.42 -2.21 11.52
CA SER B 226 -2.22 -2.22 12.35
C SER B 226 -2.27 -1.09 13.37
N THR B 227 -2.73 0.09 12.94
CA THR B 227 -2.75 1.24 13.82
C THR B 227 -3.81 1.07 14.89
N LEU B 228 -4.96 0.50 14.54
CA LEU B 228 -5.98 0.26 15.55
C LEU B 228 -5.45 -0.67 16.63
N ALA B 229 -4.79 -1.75 16.22
CA ALA B 229 -4.24 -2.69 17.19
C ALA B 229 -3.20 -2.00 18.06
N ALA B 230 -2.39 -1.14 17.44
CA ALA B 230 -1.26 -0.54 18.14
C ALA B 230 -1.70 0.49 19.16
N ILE B 231 -2.84 1.16 18.93
CA ILE B 231 -3.39 2.04 19.96
C ILE B 231 -4.28 1.27 20.95
N GLY B 232 -4.42 -0.03 20.80
CA GLY B 232 -5.20 -0.79 21.74
C GLY B 232 -6.69 -0.58 21.60
N PHE B 233 -7.16 -0.36 20.38
CA PHE B 233 -8.57 -0.08 20.17
C PHE B 233 -9.43 -1.25 20.60
N LYS B 234 -10.38 -0.98 21.50
CA LYS B 234 -11.30 -1.98 22.03
C LYS B 234 -12.76 -1.63 21.74
N GLY B 235 -13.03 -0.66 20.86
CA GLY B 235 -14.38 -0.24 20.56
C GLY B 235 -15.03 -0.95 19.39
N GLY B 236 -15.97 -0.26 18.74
CA GLY B 236 -16.78 -0.87 17.71
C GLY B 236 -16.18 -0.79 16.32
N LEU B 237 -16.15 -1.94 15.63
CA LEU B 237 -15.77 -2.04 14.23
C LEU B 237 -17.04 -2.25 13.42
N ALA B 238 -17.47 -1.24 12.68
CA ALA B 238 -18.76 -1.28 12.01
C ALA B 238 -18.56 -1.22 10.51
N MET B 239 -18.98 -2.28 9.84
CA MET B 239 -18.96 -2.31 8.39
C MET B 239 -20.06 -1.44 7.87
N GLU B 240 -19.72 -0.61 6.91
CA GLU B 240 -20.71 0.26 6.28
C GLU B 240 -20.51 0.17 4.79
N SER B 241 -21.62 0.08 4.06
CA SER B 241 -21.61 0.09 2.60
C SER B 241 -22.94 0.66 2.17
N PHE B 242 -22.94 1.38 1.05
CA PHE B 242 -24.15 2.02 0.59
C PHE B 242 -24.95 1.14 -0.36
N ILE B 243 -24.55 -0.13 -0.52
CA ILE B 243 -25.29 -1.04 -1.39
C ILE B 243 -26.73 -1.16 -0.88
N ASN B 244 -27.68 -1.11 -1.82
CA ASN B 244 -29.12 -1.31 -1.58
C ASN B 244 -29.72 -0.23 -0.69
N MET B 245 -29.02 0.87 -0.53
CA MET B 245 -29.60 2.05 0.09
C MET B 245 -30.79 2.54 -0.72
N PRO B 246 -31.86 3.01 -0.08
CA PRO B 246 -32.99 3.57 -0.85
C PRO B 246 -32.50 4.72 -1.72
N PRO B 247 -33.05 4.87 -2.93
CA PRO B 247 -32.57 5.94 -3.84
C PRO B 247 -32.53 7.34 -3.24
N GLU B 248 -33.59 7.74 -2.51
CA GLU B 248 -33.62 9.11 -1.96
C GLU B 248 -32.44 9.37 -1.03
N VAL B 249 -32.15 8.44 -0.14
CA VAL B 249 -31.02 8.56 0.79
C VAL B 249 -29.69 8.49 0.03
N ALA B 250 -29.59 7.59 -0.95
CA ALA B 250 -28.37 7.45 -1.73
C ALA B 250 -28.03 8.74 -2.49
N TYR B 251 -29.03 9.34 -3.14
CA TYR B 251 -28.77 10.55 -3.92
C TYR B 251 -28.28 11.68 -3.01
N GLY B 252 -28.80 11.77 -1.77
CA GLY B 252 -28.36 12.82 -0.87
C GLY B 252 -26.89 12.74 -0.51
N LEU B 253 -26.31 11.53 -0.57
CA LEU B 253 -24.91 11.27 -0.23
C LEU B 253 -24.02 11.12 -1.47
N ALA B 254 -24.52 11.57 -2.61
CA ALA B 254 -23.75 11.68 -3.84
C ALA B 254 -23.46 10.32 -4.44
N VAL B 255 -24.37 9.36 -4.25
CA VAL B 255 -24.30 8.07 -4.92
C VAL B 255 -25.07 8.21 -6.24
N TRP B 256 -24.33 8.39 -7.31
CA TRP B 256 -24.92 8.62 -8.62
C TRP B 256 -24.95 7.37 -9.46
N ARG B 257 -24.45 6.27 -8.92
CA ARG B 257 -24.25 5.04 -9.66
C ARG B 257 -24.00 3.94 -8.63
N PRO B 258 -24.22 2.69 -9.01
CA PRO B 258 -24.09 1.61 -8.04
C PRO B 258 -22.67 1.54 -7.47
N VAL B 259 -22.59 1.31 -6.16
CA VAL B 259 -21.30 1.18 -5.49
C VAL B 259 -20.71 -0.22 -5.59
N ALA B 260 -21.52 -1.22 -5.94
CA ALA B 260 -21.11 -2.61 -6.05
C ALA B 260 -22.26 -3.38 -6.70
N LYS B 261 -21.99 -4.65 -7.04
CA LYS B 261 -22.96 -5.43 -7.81
C LYS B 261 -24.22 -5.71 -7.00
N ASP B 262 -24.07 -6.31 -5.83
CA ASP B 262 -25.19 -6.75 -5.02
C ASP B 262 -24.70 -6.99 -3.59
N GLU B 263 -25.66 -7.27 -2.70
CA GLU B 263 -25.30 -7.62 -1.32
C GLU B 263 -24.42 -8.86 -1.29
N GLU B 264 -24.71 -9.86 -2.12
CA GLU B 264 -23.86 -11.03 -2.16
C GLU B 264 -22.39 -10.65 -2.33
N GLU B 265 -22.11 -9.66 -3.16
CA GLU B 265 -20.72 -9.25 -3.38
C GLU B 265 -20.18 -8.50 -2.17
N VAL B 266 -20.96 -7.54 -1.65
CA VAL B 266 -20.46 -6.66 -0.60
C VAL B 266 -20.29 -7.44 0.70
N MET B 267 -21.33 -8.17 1.13
CA MET B 267 -21.26 -8.91 2.39
C MET B 267 -20.44 -10.18 2.26
N GLY B 268 -20.48 -10.82 1.08
CA GLY B 268 -19.82 -12.10 0.91
C GLY B 268 -18.33 -11.99 0.75
N ASN B 269 -17.86 -10.87 0.19
CA ASN B 269 -16.43 -10.60 0.10
C ASN B 269 -15.95 -9.61 1.16
N GLY B 270 -16.70 -8.55 1.42
CA GLY B 270 -16.25 -7.51 2.32
C GLY B 270 -16.17 -7.91 3.77
N LEU B 271 -17.19 -8.59 4.27
CA LEU B 271 -17.21 -8.90 5.68
C LEU B 271 -16.10 -9.91 6.06
N PRO B 272 -15.91 -10.97 5.26
CA PRO B 272 -14.77 -11.86 5.57
C PRO B 272 -13.44 -11.16 5.48
N PHE B 273 -13.28 -10.30 4.47
CA PHE B 273 -12.04 -9.53 4.35
C PHE B 273 -11.73 -8.80 5.64
N LEU B 274 -12.73 -8.07 6.17
CA LEU B 274 -12.50 -7.24 7.34
C LEU B 274 -12.32 -8.09 8.60
N ARG B 275 -13.11 -9.15 8.74
CA ARG B 275 -12.90 -10.02 9.90
C ARG B 275 -11.54 -10.67 9.83
N ASN B 276 -11.14 -11.15 8.66
CA ASN B 276 -9.80 -11.71 8.51
C ASN B 276 -8.72 -10.69 8.87
N LYS B 277 -8.86 -9.44 8.42
CA LYS B 277 -7.89 -8.40 8.77
C LYS B 277 -7.88 -8.15 10.27
N ALA B 278 -9.05 -8.11 10.90
CA ALA B 278 -9.08 -7.86 12.34
C ALA B 278 -8.40 -8.99 13.10
N LYS B 279 -8.58 -10.25 12.65
CA LYS B 279 -7.85 -11.37 13.25
C LYS B 279 -6.36 -11.25 12.99
N GLN B 280 -5.99 -10.93 11.76
CA GLN B 280 -4.58 -10.87 11.37
C GLN B 280 -3.80 -9.95 12.29
N TYR B 281 -4.37 -8.81 12.62
CA TYR B 281 -3.68 -7.80 13.41
C TYR B 281 -4.04 -7.88 14.90
N GLY B 282 -4.79 -8.90 15.31
CA GLY B 282 -4.97 -9.13 16.73
C GLY B 282 -5.96 -8.24 17.43
N LEU B 283 -6.90 -7.64 16.69
CA LEU B 283 -8.01 -6.92 17.30
C LEU B 283 -9.10 -7.90 17.74
N ILE B 284 -9.51 -8.80 16.82
CA ILE B 284 -10.54 -9.87 16.97
C ILE B 284 -11.83 -9.29 17.53
N THR C 2 0.84 17.82 -28.02
CA THR C 2 0.43 17.16 -26.78
C THR C 2 1.49 17.25 -25.69
N MET C 3 1.04 17.46 -24.46
CA MET C 3 1.95 17.80 -23.37
C MET C 3 2.78 16.60 -22.93
N GLN C 4 4.04 16.85 -22.61
CA GLN C 4 4.94 15.84 -22.10
C GLN C 4 5.71 16.39 -20.91
N GLY C 5 6.19 15.47 -20.07
CA GLY C 5 7.04 15.86 -18.97
C GLY C 5 6.22 16.22 -17.74
N PHE C 6 6.85 17.03 -16.88
CA PHE C 6 6.27 17.40 -15.60
C PHE C 6 5.79 18.85 -15.64
N GLY C 7 4.65 19.08 -15.01
CA GLY C 7 4.09 20.41 -14.95
C GLY C 7 3.37 20.65 -13.64
N VAL C 8 2.87 21.88 -13.50
CA VAL C 8 2.23 22.33 -12.25
C VAL C 8 1.04 23.21 -12.58
N HIS C 9 -0.08 22.91 -11.93
CA HIS C 9 -1.25 23.80 -11.91
C HIS C 9 -0.89 25.05 -11.14
N THR C 10 -1.13 26.23 -11.75
CA THR C 10 -0.57 27.46 -11.15
C THR C 10 -1.27 27.92 -9.86
N SER C 11 -2.31 27.25 -9.38
CA SER C 11 -2.77 27.51 -8.02
C SER C 11 -1.66 27.25 -6.98
N MET C 12 -0.62 26.52 -7.37
CA MET C 12 0.55 26.40 -6.49
C MET C 12 1.09 27.76 -6.08
N TRP C 13 0.93 28.75 -6.97
CA TRP C 13 1.64 30.02 -6.87
C TRP C 13 0.76 31.26 -6.96
N THR C 14 -0.46 31.18 -7.48
CA THR C 14 -1.25 32.39 -7.55
C THR C 14 -2.73 32.05 -7.56
N MET C 15 -3.53 32.90 -6.90
CA MET C 15 -4.97 32.71 -6.88
C MET C 15 -5.60 32.98 -8.24
N ASN C 16 -5.15 34.05 -8.91
CA ASN C 16 -5.75 34.42 -10.17
C ASN C 16 -4.67 34.52 -11.23
N TRP C 17 -5.05 34.26 -12.48
CA TRP C 17 -4.13 34.47 -13.59
C TRP C 17 -4.28 35.90 -14.11
N ASP C 18 -3.92 36.86 -13.24
CA ASP C 18 -3.75 38.24 -13.62
C ASP C 18 -2.28 38.49 -13.94
N ARG C 19 -1.93 39.74 -14.24
CA ARG C 19 -0.55 39.98 -14.67
C ARG C 19 0.47 39.67 -13.57
N PRO C 20 0.34 40.17 -12.34
CA PRO C 20 1.33 39.80 -11.34
C PRO C 20 1.29 38.33 -11.00
N GLY C 21 0.14 37.66 -11.13
CA GLY C 21 0.07 36.23 -10.87
C GLY C 21 0.84 35.44 -11.90
N ALA C 22 0.73 35.86 -13.16
CA ALA C 22 1.47 35.20 -14.23
C ALA C 22 2.97 35.40 -14.05
N GLU C 23 3.39 36.63 -13.71
CA GLU C 23 4.81 36.84 -13.44
C GLU C 23 5.33 35.90 -12.35
N ARG C 24 4.56 35.79 -11.25
CA ARG C 24 5.02 35.00 -10.09
C ARG C 24 5.05 33.52 -10.42
N ALA C 25 4.00 33.02 -11.06
CA ALA C 25 3.93 31.61 -11.39
C ALA C 25 4.99 31.22 -12.39
N VAL C 26 5.23 32.03 -13.39
CA VAL C 26 6.23 31.64 -14.37
C VAL C 26 7.61 31.62 -13.72
N ALA C 27 7.90 32.62 -12.88
CA ALA C 27 9.19 32.65 -12.20
C ALA C 27 9.37 31.42 -11.32
N ALA C 28 8.33 31.05 -10.57
CA ALA C 28 8.41 29.85 -9.73
C ALA C 28 8.58 28.59 -10.58
N ALA C 29 7.83 28.49 -11.68
CA ALA C 29 7.96 27.30 -12.52
C ALA C 29 9.40 27.10 -12.95
N LEU C 30 10.07 28.19 -13.31
CA LEU C 30 11.43 28.05 -13.83
C LEU C 30 12.39 27.60 -12.74
N LYS C 31 12.15 28.05 -11.50
CA LYS C 31 12.96 27.64 -10.35
C LYS C 31 12.95 26.14 -10.15
N TYR C 32 11.85 25.47 -10.52
CA TYR C 32 11.71 24.03 -10.33
C TYR C 32 11.96 23.24 -11.58
N GLU C 33 12.24 23.90 -12.70
CA GLU C 33 12.65 23.21 -13.92
C GLU C 33 11.57 22.28 -14.42
N VAL C 34 10.33 22.70 -14.29
CA VAL C 34 9.24 21.92 -14.84
C VAL C 34 9.11 22.25 -16.33
N ASP C 35 8.45 21.36 -17.05
CA ASP C 35 8.29 21.52 -18.49
C ASP C 35 7.08 22.37 -18.87
N PHE C 36 6.06 22.44 -18.04
CA PHE C 36 4.89 23.19 -18.45
C PHE C 36 4.14 23.67 -17.22
N ILE C 37 3.22 24.59 -17.44
CA ILE C 37 2.27 24.98 -16.41
C ILE C 37 0.85 24.85 -16.95
N GLU C 38 -0.07 24.66 -16.03
CA GLU C 38 -1.49 24.57 -16.29
C GLU C 38 -2.14 25.81 -15.68
N ILE C 39 -2.73 26.62 -16.54
CA ILE C 39 -3.24 27.95 -16.21
C ILE C 39 -4.75 27.87 -16.14
N PRO C 40 -5.38 28.34 -15.07
CA PRO C 40 -6.86 28.34 -15.03
C PRO C 40 -7.42 29.41 -15.97
N MET C 41 -8.43 29.01 -16.74
CA MET C 41 -9.11 29.89 -17.69
C MET C 41 -10.46 30.20 -17.07
N LEU C 42 -10.47 30.80 -15.88
CA LEU C 42 -11.71 31.02 -15.15
C LEU C 42 -12.31 32.39 -15.39
N ASN C 43 -11.51 33.33 -15.92
CA ASN C 43 -11.98 34.68 -16.24
C ASN C 43 -11.39 35.09 -17.58
N PRO C 44 -11.87 34.50 -18.68
CA PRO C 44 -11.17 34.66 -19.98
C PRO C 44 -10.97 36.11 -20.38
N PRO C 45 -12.02 36.95 -20.30
CA PRO C 45 -11.85 38.37 -20.69
C PRO C 45 -10.81 39.09 -19.87
N ALA C 46 -10.45 38.54 -18.72
CA ALA C 46 -9.48 39.19 -17.85
C ALA C 46 -8.05 38.78 -18.15
N VAL C 47 -7.84 37.73 -18.93
CA VAL C 47 -6.48 37.23 -19.15
C VAL C 47 -5.76 38.12 -20.15
N ASP C 48 -4.57 38.58 -19.79
CA ASP C 48 -3.73 39.37 -20.69
C ASP C 48 -2.90 38.34 -21.45
N THR C 49 -3.38 37.97 -22.63
CA THR C 49 -2.77 36.86 -23.35
C THR C 49 -1.41 37.24 -23.91
N GLU C 50 -1.25 38.47 -24.38
CA GLU C 50 0.05 38.87 -24.92
C GLU C 50 1.12 38.85 -23.83
N HIS C 51 0.79 39.34 -22.64
CA HIS C 51 1.75 39.33 -21.54
C HIS C 51 2.13 37.91 -21.14
N THR C 52 1.15 36.99 -21.08
CA THR C 52 1.46 35.59 -20.75
C THR C 52 2.24 34.91 -21.88
N ARG C 53 1.83 35.09 -23.13
CA ARG C 53 2.54 34.41 -24.21
C ARG C 53 3.99 34.86 -24.27
N ALA C 54 4.25 36.14 -24.06
CA ALA C 54 5.62 36.65 -24.01
C ALA C 54 6.41 35.93 -22.93
N LEU C 55 5.83 35.83 -21.72
CA LEU C 55 6.53 35.18 -20.62
C LEU C 55 6.85 33.72 -20.96
N LEU C 56 5.87 33.00 -21.48
CA LEU C 56 6.05 31.59 -21.78
C LEU C 56 7.15 31.38 -22.82
N GLU C 57 7.12 32.16 -23.90
CA GLU C 57 8.08 31.97 -24.98
C GLU C 57 9.47 32.41 -24.55
N LYS C 58 9.55 33.48 -23.74
CA LYS C 58 10.86 33.93 -23.27
C LYS C 58 11.53 32.86 -22.43
N ASN C 59 10.75 32.20 -21.56
CA ASN C 59 11.30 31.25 -20.61
C ASN C 59 11.19 29.82 -21.08
N GLU C 60 10.83 29.60 -22.33
CA GLU C 60 10.71 28.28 -22.93
C GLU C 60 9.85 27.33 -22.10
N LEU C 61 8.71 27.85 -21.64
CA LEU C 61 7.75 27.08 -20.86
C LEU C 61 6.53 26.77 -21.70
N ARG C 62 6.09 25.54 -21.68
CA ARG C 62 4.84 25.18 -22.34
C ARG C 62 3.68 25.39 -21.38
N ALA C 63 2.47 25.39 -21.93
CA ALA C 63 1.30 25.60 -21.10
C ALA C 63 0.07 24.99 -21.74
N LEU C 64 -0.89 24.64 -20.89
CA LEU C 64 -2.27 24.38 -21.27
C LEU C 64 -3.15 25.08 -20.25
N CYS C 65 -4.44 25.13 -20.55
CA CYS C 65 -5.37 25.77 -19.65
C CYS C 65 -6.39 24.76 -19.16
N SER C 66 -7.01 25.08 -18.04
CA SER C 66 -8.15 24.30 -17.59
C SER C 66 -9.20 25.18 -16.96
N LEU C 67 -10.41 24.63 -16.81
CA LEU C 67 -11.48 25.41 -16.21
C LEU C 67 -12.53 24.46 -15.68
N GLY C 68 -13.48 25.02 -14.92
CA GLY C 68 -14.79 24.42 -14.74
C GLY C 68 -15.77 25.45 -15.27
N LEU C 69 -16.88 24.99 -15.82
CA LEU C 69 -17.86 25.94 -16.36
C LEU C 69 -18.62 26.65 -15.25
N PRO C 70 -18.89 27.96 -15.39
CA PRO C 70 -19.74 28.64 -14.39
C PRO C 70 -21.19 28.22 -14.59
N GLU C 71 -21.97 28.34 -13.52
CA GLU C 71 -23.32 27.77 -13.57
C GLU C 71 -24.15 28.38 -14.71
N ARG C 72 -23.91 29.66 -15.04
CA ARG C 72 -24.61 30.29 -16.17
C ARG C 72 -24.38 29.54 -17.47
N ALA C 73 -23.35 28.70 -17.53
CA ALA C 73 -23.00 28.03 -18.78
C ALA C 73 -22.78 26.53 -18.62
N TRP C 74 -23.40 25.91 -17.63
CA TRP C 74 -23.28 24.46 -17.50
C TRP C 74 -23.86 23.73 -18.71
N ALA C 75 -23.01 22.96 -19.37
CA ALA C 75 -23.37 22.30 -20.62
C ALA C 75 -24.59 21.39 -20.50
N SER C 76 -24.79 20.77 -19.34
CA SER C 76 -25.86 19.79 -19.22
C SER C 76 -27.24 20.42 -19.31
N VAL C 77 -27.35 21.73 -19.06
CA VAL C 77 -28.67 22.36 -18.89
C VAL C 77 -28.74 23.64 -19.71
N ARG C 78 -27.59 24.29 -19.96
CA ARG C 78 -27.52 25.50 -20.80
C ARG C 78 -26.47 25.32 -21.89
N PRO C 79 -26.73 24.43 -22.85
CA PRO C 79 -25.67 24.08 -23.81
C PRO C 79 -25.28 25.19 -24.74
N ASP C 80 -26.20 26.08 -25.10
CA ASP C 80 -25.79 27.16 -25.99
C ASP C 80 -24.88 28.15 -25.27
N ALA C 81 -25.19 28.47 -24.01
CA ALA C 81 -24.27 29.28 -23.21
C ALA C 81 -22.93 28.57 -23.02
N ALA C 82 -22.95 27.24 -22.85
CA ALA C 82 -21.69 26.50 -22.70
C ALA C 82 -20.83 26.63 -23.95
N ILE C 83 -21.43 26.44 -25.12
CA ILE C 83 -20.67 26.55 -26.35
C ILE C 83 -20.02 27.93 -26.45
N GLU C 84 -20.80 28.99 -26.21
CA GLU C 84 -20.24 30.33 -26.33
C GLU C 84 -19.11 30.50 -25.33
N HIS C 85 -19.30 30.01 -24.11
CA HIS C 85 -18.26 30.21 -23.11
C HIS C 85 -17.00 29.44 -23.47
N LEU C 86 -17.15 28.23 -24.00
CA LEU C 86 -15.99 27.42 -24.36
C LEU C 86 -15.26 28.01 -25.54
N LYS C 87 -15.98 28.63 -26.47
CA LYS C 87 -15.30 29.22 -27.61
C LYS C 87 -14.38 30.36 -27.15
N VAL C 88 -14.87 31.21 -26.24
CA VAL C 88 -14.06 32.29 -25.68
C VAL C 88 -12.83 31.72 -24.95
N ALA C 89 -13.04 30.69 -24.12
CA ALA C 89 -11.93 30.09 -23.38
C ALA C 89 -10.92 29.44 -24.32
N ILE C 90 -11.41 28.83 -25.40
CA ILE C 90 -10.52 28.24 -26.37
C ILE C 90 -9.67 29.30 -27.04
N ASP C 91 -10.30 30.38 -27.49
CA ASP C 91 -9.55 31.46 -28.14
C ASP C 91 -8.51 32.06 -27.20
N LYS C 92 -8.87 32.32 -25.95
CA LYS C 92 -7.88 32.89 -25.05
C LYS C 92 -6.76 31.87 -24.78
N THR C 93 -7.11 30.59 -24.59
CA THR C 93 -6.08 29.56 -24.42
C THR C 93 -5.11 29.59 -25.58
N ALA C 94 -5.64 29.61 -26.81
CA ALA C 94 -4.76 29.58 -27.97
C ALA C 94 -3.96 30.88 -28.08
N ASP C 95 -4.60 32.01 -27.79
CA ASP C 95 -3.91 33.30 -27.91
C ASP C 95 -2.71 33.39 -26.96
N LEU C 96 -2.77 32.78 -25.78
CA LEU C 96 -1.62 32.85 -24.89
C LEU C 96 -0.59 31.75 -25.16
N GLY C 97 -0.83 30.90 -26.15
CA GLY C 97 0.13 29.87 -26.50
C GLY C 97 -0.13 28.53 -25.86
N GLY C 98 -1.28 28.37 -25.20
CA GLY C 98 -1.59 27.10 -24.59
C GLY C 98 -1.98 26.07 -25.64
N GLU C 99 -1.76 24.80 -25.32
CA GLU C 99 -1.88 23.72 -26.29
C GLU C 99 -3.10 22.85 -26.11
N ALA C 100 -3.85 23.04 -25.04
CA ALA C 100 -5.07 22.29 -24.82
C ALA C 100 -5.86 23.07 -23.80
N LEU C 101 -7.15 22.80 -23.75
CA LEU C 101 -8.05 23.30 -22.71
C LEU C 101 -8.70 22.06 -22.11
N SER C 102 -8.47 21.84 -20.83
CA SER C 102 -8.90 20.61 -20.16
C SER C 102 -9.63 20.94 -18.85
N GLY C 103 -10.02 19.88 -18.14
CA GLY C 103 -10.70 20.06 -16.88
C GLY C 103 -12.16 19.71 -16.98
N VAL C 104 -13.00 20.38 -16.19
CA VAL C 104 -14.45 20.13 -16.19
C VAL C 104 -15.07 21.02 -17.25
N ILE C 105 -14.75 20.71 -18.50
CA ILE C 105 -15.19 21.52 -19.63
C ILE C 105 -16.62 21.21 -20.02
N TYR C 106 -17.25 20.25 -19.34
CA TYR C 106 -18.57 19.74 -19.61
C TYR C 106 -19.57 20.11 -18.52
N GLY C 107 -19.14 20.85 -17.50
CA GLY C 107 -20.02 21.15 -16.40
C GLY C 107 -19.33 21.95 -15.32
N GLY C 108 -19.93 21.94 -14.14
CA GLY C 108 -19.46 22.76 -13.04
C GLY C 108 -18.64 21.97 -12.03
N ILE C 109 -17.70 22.65 -11.40
CA ILE C 109 -17.06 22.22 -10.16
C ILE C 109 -17.99 22.64 -9.02
N GLY C 110 -18.70 21.66 -8.46
CA GLY C 110 -19.83 21.95 -7.61
C GLY C 110 -21.19 21.74 -8.26
N GLU C 111 -21.22 21.13 -9.43
CA GLU C 111 -22.48 20.84 -10.10
C GLU C 111 -23.11 19.54 -9.62
N ARG C 112 -24.42 19.60 -9.38
CA ARG C 112 -25.19 18.48 -8.84
C ARG C 112 -26.66 18.77 -9.10
N THR C 113 -27.40 17.80 -9.64
CA THR C 113 -28.85 17.96 -9.71
C THR C 113 -29.55 17.39 -8.49
N GLY C 114 -28.87 16.55 -7.72
CA GLY C 114 -29.48 15.79 -6.66
C GLY C 114 -29.93 14.41 -7.08
N VAL C 115 -29.89 14.09 -8.36
CA VAL C 115 -30.27 12.77 -8.86
C VAL C 115 -29.20 12.29 -9.83
N PRO C 116 -29.17 11.02 -10.19
CA PRO C 116 -28.17 10.51 -11.11
C PRO C 116 -28.24 11.19 -12.46
N PRO C 117 -27.16 11.15 -13.21
CA PRO C 117 -27.13 11.83 -14.52
C PRO C 117 -28.02 11.13 -15.53
N THR C 118 -28.56 11.91 -16.46
CA THR C 118 -29.55 11.42 -17.40
C THR C 118 -29.04 11.48 -18.83
N GLU C 119 -29.69 10.71 -19.70
CA GLU C 119 -29.40 10.78 -21.12
C GLU C 119 -29.56 12.19 -21.68
N ALA C 120 -30.60 12.92 -21.24
CA ALA C 120 -30.79 14.26 -21.78
C ALA C 120 -29.59 15.17 -21.44
N GLU C 121 -29.05 15.03 -20.24
CA GLU C 121 -27.87 15.79 -19.85
C GLU C 121 -26.68 15.43 -20.72
N TYR C 122 -26.44 14.14 -20.92
CA TYR C 122 -25.30 13.71 -21.73
C TYR C 122 -25.48 14.10 -23.19
N ASP C 123 -26.72 14.05 -23.69
CA ASP C 123 -26.96 14.48 -25.07
C ASP C 123 -26.57 15.94 -25.27
N ASN C 124 -26.88 16.79 -24.29
CA ASN C 124 -26.49 18.19 -24.36
C ASN C 124 -24.98 18.34 -24.25
N ILE C 125 -24.33 17.61 -23.34
CA ILE C 125 -22.89 17.73 -23.19
C ILE C 125 -22.19 17.31 -24.48
N ALA C 126 -22.69 16.26 -25.12
CA ALA C 126 -22.05 15.80 -26.35
C ALA C 126 -22.18 16.86 -27.44
N ARG C 127 -23.36 17.48 -27.56
CA ARG C 127 -23.53 18.55 -28.53
C ARG C 127 -22.54 19.68 -28.26
N VAL C 128 -22.38 20.03 -26.99
CA VAL C 128 -21.50 21.13 -26.61
C VAL C 128 -20.06 20.78 -26.95
N LEU C 129 -19.64 19.57 -26.61
CA LEU C 129 -18.26 19.17 -26.81
C LEU C 129 -17.96 19.00 -28.29
N SER C 130 -18.96 18.58 -29.06
CA SER C 130 -18.73 18.44 -30.49
C SER C 130 -18.48 19.80 -31.14
N ALA C 131 -19.32 20.79 -30.80
CA ALA C 131 -19.11 22.15 -31.27
C ALA C 131 -17.80 22.73 -30.75
N ALA C 132 -17.52 22.52 -29.47
CA ALA C 132 -16.30 23.04 -28.90
C ALA C 132 -15.08 22.39 -29.53
N ALA C 133 -15.15 21.08 -29.78
CA ALA C 133 -13.99 20.41 -30.36
C ALA C 133 -13.73 20.89 -31.78
N LYS C 134 -14.78 21.20 -32.54
CA LYS C 134 -14.55 21.84 -33.84
C LYS C 134 -13.88 23.20 -33.69
N HIS C 135 -14.30 23.99 -32.72
CA HIS C 135 -13.65 25.28 -32.53
C HIS C 135 -12.20 25.09 -32.11
N ALA C 136 -11.94 24.17 -31.18
CA ALA C 136 -10.56 23.92 -30.76
C ALA C 136 -9.67 23.52 -31.94
N LYS C 137 -10.19 22.64 -32.81
CA LYS C 137 -9.42 22.21 -33.98
C LYS C 137 -9.07 23.42 -34.84
N SER C 138 -9.98 24.38 -34.96
CA SER C 138 -9.71 25.59 -35.72
C SER C 138 -8.57 26.40 -35.13
N ARG C 139 -8.35 26.32 -33.82
CA ARG C 139 -7.28 27.08 -33.17
C ARG C 139 -6.03 26.24 -32.92
N GLY C 140 -6.06 24.96 -33.30
CA GLY C 140 -4.91 24.10 -33.17
C GLY C 140 -4.70 23.49 -31.80
N ILE C 141 -5.72 23.48 -30.95
CA ILE C 141 -5.53 22.93 -29.62
C ILE C 141 -6.50 21.77 -29.44
N GLU C 142 -6.20 20.93 -28.45
CA GLU C 142 -7.06 19.81 -28.13
C GLU C 142 -7.86 20.12 -26.87
N LEU C 143 -8.92 19.35 -26.66
CA LEU C 143 -9.74 19.46 -25.46
C LEU C 143 -9.54 18.22 -24.58
N GLY C 144 -9.54 18.43 -23.27
CA GLY C 144 -9.51 17.34 -22.31
C GLY C 144 -10.74 17.31 -21.43
N VAL C 145 -11.23 16.10 -21.18
CA VAL C 145 -12.34 15.86 -20.26
C VAL C 145 -11.79 15.23 -18.97
N GLU C 146 -11.91 15.95 -17.84
CA GLU C 146 -11.40 15.48 -16.55
C GLU C 146 -12.52 14.82 -15.77
N ALA C 147 -12.30 13.56 -15.37
CA ALA C 147 -13.19 12.90 -14.43
C ALA C 147 -12.92 13.45 -13.03
N VAL C 148 -13.97 13.93 -12.36
CA VAL C 148 -13.85 14.45 -11.01
C VAL C 148 -14.81 13.68 -10.11
N ASN C 149 -14.59 13.80 -8.81
CA ASN C 149 -15.35 12.97 -7.89
C ASN C 149 -16.82 13.42 -7.78
N ARG C 150 -17.61 12.53 -7.18
CA ARG C 150 -19.06 12.65 -7.10
C ARG C 150 -19.54 13.92 -6.43
N TYR C 151 -18.71 14.50 -5.56
CA TYR C 151 -19.12 15.72 -4.86
C TYR C 151 -18.89 16.97 -5.68
N GLU C 152 -18.07 16.89 -6.70
CA GLU C 152 -17.78 18.05 -7.55
C GLU C 152 -18.58 18.03 -8.83
N ASN C 153 -19.00 16.86 -9.30
CA ASN C 153 -19.83 16.82 -10.49
C ASN C 153 -20.54 15.49 -10.48
N HIS C 154 -21.75 15.44 -11.02
CA HIS C 154 -22.50 14.19 -11.00
C HIS C 154 -22.44 13.45 -12.33
N LEU C 155 -21.78 14.01 -13.34
CA LEU C 155 -21.88 13.52 -14.69
C LEU C 155 -20.73 12.60 -15.11
N ILE C 156 -19.47 12.98 -14.81
CA ILE C 156 -18.33 12.17 -15.24
C ILE C 156 -17.36 12.03 -14.07
N ASN C 157 -17.38 10.87 -13.43
CA ASN C 157 -16.61 10.63 -12.23
C ASN C 157 -15.48 9.61 -12.39
N THR C 158 -15.50 8.79 -13.43
CA THR C 158 -14.55 7.70 -13.58
C THR C 158 -13.89 7.75 -14.96
N GLY C 159 -12.75 7.08 -15.09
CA GLY C 159 -12.16 6.90 -16.39
C GLY C 159 -13.11 6.29 -17.41
N TRP C 160 -13.90 5.29 -16.98
CA TRP C 160 -14.78 4.64 -17.96
C TRP C 160 -15.91 5.57 -18.40
N GLN C 161 -16.43 6.40 -17.48
CA GLN C 161 -17.43 7.40 -17.88
C GLN C 161 -16.85 8.41 -18.86
N ALA C 162 -15.62 8.87 -18.58
CA ALA C 162 -15.01 9.85 -19.46
C ALA C 162 -14.79 9.25 -20.83
N VAL C 163 -14.34 7.99 -20.88
CA VAL C 163 -14.18 7.35 -22.20
C VAL C 163 -15.52 7.22 -22.92
N GLN C 164 -16.61 6.91 -22.19
CA GLN C 164 -17.91 6.80 -22.85
C GLN C 164 -18.33 8.15 -23.45
N MET C 165 -18.05 9.23 -22.74
CA MET C 165 -18.33 10.53 -23.34
C MET C 165 -17.47 10.76 -24.59
N ILE C 166 -16.19 10.40 -24.54
CA ILE C 166 -15.36 10.59 -25.74
C ILE C 166 -15.93 9.78 -26.90
N GLU C 167 -16.44 8.57 -26.61
CA GLU C 167 -17.07 7.74 -27.65
C GLU C 167 -18.39 8.33 -28.12
N ARG C 168 -19.16 8.92 -27.21
CA ARG C 168 -20.42 9.53 -27.60
C ARG C 168 -20.19 10.71 -28.53
N VAL C 169 -19.13 11.48 -28.34
CA VAL C 169 -18.90 12.67 -29.15
C VAL C 169 -18.33 12.29 -30.50
N GLY C 170 -17.39 11.35 -30.52
CA GLY C 170 -16.85 10.88 -31.78
C GLY C 170 -15.87 11.82 -32.42
N ALA C 171 -15.33 12.77 -31.66
CA ALA C 171 -14.34 13.70 -32.21
C ALA C 171 -12.97 13.03 -32.22
N ASP C 172 -12.03 13.65 -32.92
CA ASP C 172 -10.67 13.13 -32.99
C ASP C 172 -9.68 13.92 -32.13
N ASN C 173 -10.14 14.89 -31.33
CA ASN C 173 -9.21 15.78 -30.66
C ASN C 173 -9.65 16.07 -29.22
N ILE C 174 -10.39 15.15 -28.62
CA ILE C 174 -10.71 15.18 -27.20
C ILE C 174 -10.02 14.01 -26.51
N PHE C 175 -9.27 14.29 -25.43
CA PHE C 175 -8.61 13.27 -24.62
C PHE C 175 -9.17 13.22 -23.20
N VAL C 176 -8.77 12.18 -22.47
CA VAL C 176 -9.19 11.98 -21.09
C VAL C 176 -8.10 12.51 -20.16
N HIS C 177 -8.53 13.17 -19.10
CA HIS C 177 -7.69 13.79 -18.07
C HIS C 177 -8.13 13.16 -16.77
N LEU C 178 -7.22 12.46 -16.10
CA LEU C 178 -7.52 11.83 -14.82
C LEU C 178 -6.81 12.62 -13.71
N ASP C 179 -7.21 12.39 -12.47
CA ASP C 179 -6.67 13.10 -11.31
C ASP C 179 -6.63 12.10 -10.16
N THR C 180 -5.43 11.84 -9.61
CA THR C 180 -5.30 10.80 -8.59
C THR C 180 -6.14 11.13 -7.37
N TYR C 181 -6.35 12.41 -7.06
CA TYR C 181 -7.20 12.80 -5.94
C TYR C 181 -8.63 12.34 -6.18
N HIS C 182 -9.12 12.53 -7.40
CA HIS C 182 -10.47 12.10 -7.71
C HIS C 182 -10.56 10.58 -7.82
N MET C 183 -9.56 9.94 -8.45
CA MET C 183 -9.55 8.48 -8.55
C MET C 183 -9.45 7.80 -7.19
N ASN C 184 -8.79 8.44 -6.22
CA ASN C 184 -8.72 7.92 -4.87
C ASN C 184 -10.11 7.69 -4.29
N ILE C 185 -11.10 8.48 -4.71
CA ILE C 185 -12.47 8.31 -4.26
C ILE C 185 -13.26 7.40 -5.20
N GLU C 186 -13.12 7.63 -6.50
CA GLU C 186 -14.05 7.07 -7.48
C GLU C 186 -13.66 5.71 -8.05
N GLU C 187 -12.39 5.39 -8.11
CA GLU C 187 -12.01 4.19 -8.85
C GLU C 187 -11.89 2.99 -7.92
N LYS C 188 -12.36 1.84 -8.41
CA LYS C 188 -12.42 0.60 -7.62
C LYS C 188 -11.06 -0.06 -7.71
N GLY C 189 -10.10 0.57 -7.00
CA GLY C 189 -8.70 0.30 -7.25
C GLY C 189 -8.17 1.34 -8.22
N VAL C 190 -7.19 2.12 -7.78
CA VAL C 190 -6.86 3.32 -8.51
C VAL C 190 -6.39 2.99 -9.92
N GLY C 191 -5.67 1.88 -10.07
CA GLY C 191 -5.19 1.51 -11.38
C GLY C 191 -6.31 1.34 -12.40
N ASN C 192 -7.50 0.99 -11.93
CA ASN C 192 -8.60 0.74 -12.86
C ASN C 192 -9.00 1.99 -13.64
N GLY C 193 -8.85 3.18 -13.05
CA GLY C 193 -9.16 4.38 -13.80
C GLY C 193 -8.19 4.55 -14.95
N ILE C 194 -6.93 4.18 -14.71
CA ILE C 194 -5.93 4.33 -15.75
C ILE C 194 -6.17 3.29 -16.84
N LEU C 195 -6.42 2.04 -16.42
CA LEU C 195 -6.73 0.97 -17.36
C LEU C 195 -7.93 1.34 -18.23
N ASP C 196 -9.03 1.76 -17.60
CA ASP C 196 -10.25 2.07 -18.34
C ASP C 196 -10.03 3.21 -19.33
N ALA C 197 -9.14 4.13 -19.02
CA ALA C 197 -8.96 5.33 -19.84
C ALA C 197 -7.82 5.20 -20.83
N ARG C 198 -7.16 4.04 -20.90
CA ARG C 198 -5.82 3.98 -21.49
C ARG C 198 -5.82 4.43 -22.95
N GLU C 199 -6.90 4.17 -23.70
CA GLU C 199 -6.92 4.49 -25.13
C GLU C 199 -6.97 5.99 -25.38
N HIS C 200 -7.33 6.78 -24.37
CA HIS C 200 -7.53 8.20 -24.54
C HIS C 200 -6.80 9.04 -23.51
N LEU C 201 -6.07 8.43 -22.60
CA LEU C 201 -5.44 9.16 -21.51
C LEU C 201 -4.21 9.91 -21.99
N LYS C 202 -4.21 11.23 -21.85
CA LYS C 202 -3.05 12.03 -22.21
C LYS C 202 -2.59 13.03 -21.15
N TYR C 203 -3.25 13.07 -19.98
CA TYR C 203 -2.94 14.08 -18.97
C TYR C 203 -3.37 13.55 -17.62
N ILE C 204 -2.51 13.67 -16.62
CA ILE C 204 -2.93 13.18 -15.30
C ILE C 204 -2.47 14.18 -14.24
N HIS C 205 -3.38 14.51 -13.35
CA HIS C 205 -3.07 15.28 -12.14
C HIS C 205 -2.55 14.26 -11.12
N LEU C 206 -1.27 14.41 -10.75
CA LEU C 206 -0.68 13.68 -9.65
C LEU C 206 -0.89 14.53 -8.39
N SER C 207 -2.09 14.42 -7.85
CA SER C 207 -2.56 15.22 -6.75
C SER C 207 -2.79 14.29 -5.56
N GLU C 208 -2.23 14.67 -4.40
CA GLU C 208 -2.39 13.84 -3.20
C GLU C 208 -3.86 13.83 -2.72
N SER C 209 -4.17 12.78 -1.93
CA SER C 209 -5.53 12.50 -1.51
C SER C 209 -6.19 13.66 -0.79
N ASP C 210 -5.43 14.50 -0.10
CA ASP C 210 -6.01 15.67 0.55
C ASP C 210 -5.63 16.98 -0.14
N ARG C 211 -5.19 16.91 -1.39
CA ARG C 211 -4.70 18.03 -2.20
C ARG C 211 -3.39 18.57 -1.64
N GLY C 212 -2.75 17.82 -0.73
CA GLY C 212 -1.49 18.24 -0.11
C GLY C 212 -0.24 17.85 -0.88
N THR C 213 0.75 17.35 -0.16
CA THR C 213 2.04 17.05 -0.74
C THR C 213 2.02 15.61 -1.25
N PRO C 214 2.27 15.37 -2.54
CA PRO C 214 2.34 13.99 -3.02
C PRO C 214 3.39 13.19 -2.28
N GLY C 215 3.00 11.99 -1.93
CA GLY C 215 3.81 11.08 -1.16
C GLY C 215 3.41 11.03 0.30
N TYR C 216 2.55 11.95 0.75
CA TYR C 216 2.22 12.16 2.15
C TYR C 216 0.71 12.18 2.35
N GLY C 217 0.02 11.31 1.61
CA GLY C 217 -1.41 11.12 1.77
C GLY C 217 -1.76 9.65 1.61
N THR C 218 -2.92 9.33 1.03
CA THR C 218 -3.35 7.95 0.88
C THR C 218 -3.31 7.45 -0.55
N CYS C 219 -2.86 8.24 -1.52
CA CYS C 219 -2.86 7.74 -2.88
C CYS C 219 -1.90 6.57 -3.04
N GLY C 220 -2.32 5.58 -3.83
CA GLY C 220 -1.50 4.41 -4.11
C GLY C 220 -0.48 4.65 -5.22
N TRP C 221 0.59 5.36 -4.88
CA TRP C 221 1.49 5.88 -5.92
C TRP C 221 2.20 4.76 -6.67
N ASP C 222 2.60 3.70 -5.98
CA ASP C 222 3.30 2.64 -6.72
C ASP C 222 2.39 2.01 -7.76
N GLU C 223 1.13 1.76 -7.39
CA GLU C 223 0.14 1.24 -8.34
C GLU C 223 -0.08 2.22 -9.50
N ILE C 224 -0.19 3.50 -9.18
CA ILE C 224 -0.39 4.52 -10.21
C ILE C 224 0.76 4.52 -11.21
N PHE C 225 1.99 4.56 -10.72
CA PHE C 225 3.11 4.71 -11.64
C PHE C 225 3.36 3.44 -12.42
N SER C 226 3.20 2.27 -11.78
CA SER C 226 3.40 1.00 -12.49
C SER C 226 2.39 0.86 -13.62
N THR C 227 1.15 1.29 -13.36
CA THR C 227 0.10 1.16 -14.37
C THR C 227 0.30 2.18 -15.51
N LEU C 228 0.68 3.41 -15.18
CA LEU C 228 1.06 4.38 -16.22
C LEU C 228 2.17 3.83 -17.11
N ALA C 229 3.22 3.28 -16.49
CA ALA C 229 4.28 2.70 -17.31
C ALA C 229 3.73 1.56 -18.15
N ALA C 230 2.89 0.73 -17.55
CA ALA C 230 2.43 -0.46 -18.23
C ALA C 230 1.59 -0.13 -19.47
N ILE C 231 0.80 0.95 -19.40
CA ILE C 231 0.02 1.35 -20.56
C ILE C 231 0.81 2.25 -21.50
N GLY C 232 2.07 2.51 -21.20
CA GLY C 232 2.86 3.36 -22.08
C GLY C 232 2.42 4.80 -22.09
N PHE C 233 2.02 5.32 -20.92
CA PHE C 233 1.66 6.74 -20.84
C PHE C 233 2.82 7.65 -21.26
N LYS C 234 2.51 8.66 -22.07
CA LYS C 234 3.52 9.59 -22.56
C LYS C 234 3.03 11.05 -22.56
N GLY C 235 1.93 11.36 -21.92
CA GLY C 235 1.42 12.72 -21.81
C GLY C 235 1.95 13.48 -20.61
N GLY C 236 1.14 14.42 -20.13
CA GLY C 236 1.61 15.33 -19.08
C GLY C 236 1.37 14.75 -17.69
N LEU C 237 2.37 14.93 -16.82
CA LEU C 237 2.30 14.62 -15.40
C LEU C 237 2.29 15.96 -14.66
N ALA C 238 1.17 16.29 -14.03
CA ALA C 238 1.00 17.64 -13.49
C ALA C 238 0.59 17.60 -12.01
N MET C 239 1.31 18.36 -11.20
CA MET C 239 0.97 18.56 -9.81
C MET C 239 -0.19 19.52 -9.69
N GLU C 240 -1.01 19.27 -8.66
CA GLU C 240 -2.14 20.13 -8.33
C GLU C 240 -2.27 20.11 -6.81
N SER C 241 -1.94 21.24 -6.19
CA SER C 241 -2.08 21.45 -4.75
C SER C 241 -2.59 22.86 -4.54
N PHE C 242 -3.71 22.99 -3.83
CA PHE C 242 -4.41 24.28 -3.74
C PHE C 242 -3.84 25.11 -2.60
N ILE C 243 -2.56 25.46 -2.77
CA ILE C 243 -1.91 26.40 -1.86
C ILE C 243 -2.64 27.74 -1.93
N ASN C 244 -3.00 28.14 -3.12
CA ASN C 244 -3.86 29.28 -3.40
C ASN C 244 -5.13 28.72 -4.05
N MET C 245 -6.25 29.36 -3.78
CA MET C 245 -7.54 28.87 -4.25
C MET C 245 -8.16 29.89 -5.19
N PRO C 246 -8.32 29.60 -6.47
CA PRO C 246 -9.02 30.55 -7.36
C PRO C 246 -10.44 30.76 -6.87
N PRO C 247 -10.86 32.01 -6.68
CA PRO C 247 -12.13 32.24 -5.98
C PRO C 247 -13.32 31.64 -6.69
N GLU C 248 -13.30 31.58 -8.01
CA GLU C 248 -14.51 31.17 -8.72
C GLU C 248 -14.81 29.67 -8.58
N VAL C 249 -13.88 28.88 -8.07
CA VAL C 249 -14.11 27.45 -7.86
C VAL C 249 -13.91 27.05 -6.42
N ALA C 250 -13.72 28.01 -5.49
CA ALA C 250 -13.45 27.64 -4.11
C ALA C 250 -14.61 26.85 -3.49
N TYR C 251 -15.84 27.28 -3.75
CA TYR C 251 -16.99 26.63 -3.11
C TYR C 251 -17.06 25.16 -3.48
N GLY C 252 -16.73 24.84 -4.74
CA GLY C 252 -16.84 23.48 -5.23
C GLY C 252 -15.65 22.60 -4.88
N LEU C 253 -14.47 23.20 -4.74
CA LEU C 253 -13.27 22.41 -4.43
C LEU C 253 -13.12 22.09 -2.95
N ALA C 254 -13.73 22.87 -2.07
CA ALA C 254 -13.91 22.49 -0.66
C ALA C 254 -12.58 22.39 0.09
N VAL C 255 -11.69 23.36 -0.12
CA VAL C 255 -10.47 23.50 0.67
C VAL C 255 -10.75 24.48 1.80
N TRP C 256 -11.00 23.94 2.99
CA TRP C 256 -11.42 24.75 4.13
C TRP C 256 -10.32 24.97 5.15
N ARG C 257 -9.15 24.45 4.88
CA ARG C 257 -7.99 24.47 5.77
C ARG C 257 -6.77 24.20 4.92
N PRO C 258 -5.59 24.60 5.37
CA PRO C 258 -4.42 24.52 4.48
C PRO C 258 -4.12 23.08 4.11
N VAL C 259 -3.82 22.89 2.82
CA VAL C 259 -3.49 21.56 2.31
C VAL C 259 -2.11 21.14 2.69
N ALA C 260 -1.24 22.08 3.01
CA ALA C 260 0.15 21.86 3.35
C ALA C 260 0.64 23.14 3.99
N LYS C 261 1.86 23.12 4.51
CA LYS C 261 2.41 24.31 5.14
C LYS C 261 2.54 25.46 4.15
N ASP C 262 3.18 25.22 3.02
CA ASP C 262 3.33 26.26 2.00
C ASP C 262 3.85 25.61 0.72
N GLU C 263 3.99 26.44 -0.31
CA GLU C 263 4.41 25.98 -1.63
C GLU C 263 5.79 25.36 -1.57
N GLU C 264 6.67 25.90 -0.73
CA GLU C 264 8.01 25.32 -0.59
C GLU C 264 7.94 23.87 -0.10
N GLU C 265 7.03 23.57 0.81
CA GLU C 265 6.95 22.19 1.27
C GLU C 265 6.42 21.27 0.18
N VAL C 266 5.37 21.69 -0.54
CA VAL C 266 4.76 20.80 -1.53
C VAL C 266 5.71 20.61 -2.70
N MET C 267 6.31 21.70 -3.18
CA MET C 267 7.21 21.57 -4.31
C MET C 267 8.53 20.94 -3.89
N GLY C 268 9.00 21.25 -2.69
CA GLY C 268 10.30 20.76 -2.25
C GLY C 268 10.32 19.29 -1.88
N ASN C 269 9.19 18.75 -1.42
CA ASN C 269 9.06 17.35 -1.06
C ASN C 269 8.25 16.56 -2.09
N GLY C 270 7.18 17.16 -2.66
CA GLY C 270 6.33 16.36 -3.56
C GLY C 270 6.92 16.18 -4.94
N LEU C 271 7.52 17.22 -5.52
CA LEU C 271 8.00 17.07 -6.88
C LEU C 271 9.15 16.07 -6.96
N PRO C 272 10.13 16.10 -6.08
CA PRO C 272 11.19 15.08 -6.15
C PRO C 272 10.65 13.67 -5.98
N PHE C 273 9.68 13.49 -5.08
CA PHE C 273 9.03 12.19 -4.93
C PHE C 273 8.43 11.72 -6.25
N LEU C 274 7.66 12.59 -6.91
CA LEU C 274 7.02 12.20 -8.15
C LEU C 274 8.03 11.95 -9.27
N ARG C 275 9.05 12.82 -9.38
CA ARG C 275 10.07 12.59 -10.39
C ARG C 275 10.81 11.29 -10.11
N ASN C 276 11.08 11.03 -8.84
CA ASN C 276 11.78 9.80 -8.46
C ASN C 276 10.93 8.57 -8.79
N LYS C 277 9.61 8.66 -8.60
CA LYS C 277 8.73 7.53 -8.93
C LYS C 277 8.65 7.30 -10.44
N ALA C 278 8.57 8.39 -11.21
CA ALA C 278 8.52 8.25 -12.67
C ALA C 278 9.78 7.55 -13.17
N LYS C 279 10.93 7.89 -12.60
CA LYS C 279 12.18 7.24 -12.99
C LYS C 279 12.22 5.80 -12.51
N GLN C 280 11.74 5.56 -11.30
CA GLN C 280 11.71 4.20 -10.76
C GLN C 280 10.94 3.25 -11.67
N TYR C 281 9.82 3.67 -12.20
CA TYR C 281 8.96 2.82 -13.00
C TYR C 281 9.21 3.04 -14.48
N GLY C 282 10.23 3.80 -14.85
CA GLY C 282 10.68 3.91 -16.22
C GLY C 282 9.68 4.59 -17.14
N LEU C 283 8.93 5.57 -16.64
CA LEU C 283 7.94 6.22 -17.49
C LEU C 283 8.61 6.87 -18.69
N ILE C 284 7.96 6.73 -19.86
CA ILE C 284 8.47 7.33 -21.10
C ILE C 284 8.81 8.80 -20.83
N GLY C 285 10.00 9.20 -21.27
CA GLY C 285 10.49 10.54 -20.96
C GLY C 285 11.03 10.70 -19.55
N ASN C 286 10.63 9.77 -18.65
CA ASN C 286 11.05 9.78 -17.23
C ASN C 286 10.36 10.92 -16.46
N THR D 2 0.80 -21.46 -22.84
CA THR D 2 -0.43 -22.24 -22.93
C THR D 2 -1.38 -22.02 -21.74
N MET D 3 -0.86 -22.08 -20.51
CA MET D 3 -1.72 -22.23 -19.33
C MET D 3 -2.55 -20.97 -19.06
N GLN D 4 -3.80 -21.19 -18.60
CA GLN D 4 -4.83 -20.17 -18.43
C GLN D 4 -5.49 -20.37 -17.07
N GLY D 5 -5.96 -19.28 -16.47
CA GLY D 5 -6.78 -19.42 -15.28
C GLY D 5 -6.00 -19.65 -14.00
N PHE D 6 -6.69 -20.19 -13.00
CA PHE D 6 -6.11 -20.34 -11.66
C PHE D 6 -5.61 -21.75 -11.41
N GLY D 7 -4.47 -21.86 -10.74
CA GLY D 7 -3.88 -23.14 -10.41
C GLY D 7 -3.17 -23.10 -9.07
N VAL D 8 -2.70 -24.28 -8.65
CA VAL D 8 -2.12 -24.43 -7.32
C VAL D 8 -0.91 -25.36 -7.38
N HIS D 9 0.19 -24.94 -6.75
CA HIS D 9 1.37 -25.77 -6.57
C HIS D 9 1.04 -26.86 -5.57
N THR D 10 1.32 -28.12 -5.92
CA THR D 10 0.69 -29.19 -5.15
C THR D 10 1.34 -29.39 -3.77
N SER D 11 2.41 -28.68 -3.43
CA SER D 11 2.86 -28.64 -2.05
C SER D 11 1.75 -28.16 -1.12
N MET D 12 0.70 -27.52 -1.67
CA MET D 12 -0.48 -27.19 -0.87
C MET D 12 -1.06 -28.40 -0.18
N TRP D 13 -0.92 -29.58 -0.81
CA TRP D 13 -1.68 -30.77 -0.40
C TRP D 13 -0.85 -32.04 -0.22
N THR D 14 0.35 -32.13 -0.82
CA THR D 14 1.17 -33.30 -0.60
C THR D 14 2.65 -32.95 -0.64
N MET D 15 3.43 -33.68 0.16
CA MET D 15 4.87 -33.46 0.21
C MET D 15 5.56 -34.02 -1.03
N ASN D 16 5.16 -35.22 -1.45
CA ASN D 16 5.77 -35.87 -2.60
C ASN D 16 4.70 -36.21 -3.62
N TRP D 17 5.12 -36.31 -4.88
CA TRP D 17 4.22 -36.73 -5.93
C TRP D 17 4.31 -38.26 -6.11
N ASP D 18 3.99 -38.97 -5.04
CA ASP D 18 3.76 -40.41 -5.12
C ASP D 18 2.28 -40.64 -5.42
N ARG D 19 1.92 -41.92 -5.57
CA ARG D 19 0.55 -42.25 -5.98
C ARG D 19 -0.49 -41.71 -5.01
N PRO D 20 -0.36 -41.88 -3.69
CA PRO D 20 -1.38 -41.30 -2.79
C PRO D 20 -1.39 -39.77 -2.81
N GLY D 21 -0.22 -39.15 -2.89
CA GLY D 21 -0.17 -37.70 -3.00
C GLY D 21 -0.97 -37.16 -4.17
N ALA D 22 -0.82 -37.79 -5.34
CA ALA D 22 -1.55 -37.35 -6.52
C ALA D 22 -3.05 -37.57 -6.34
N GLU D 23 -3.46 -38.67 -5.68
CA GLU D 23 -4.86 -38.85 -5.34
C GLU D 23 -5.40 -37.62 -4.62
N ARG D 24 -4.69 -37.22 -3.57
CA ARG D 24 -5.15 -36.13 -2.69
C ARG D 24 -5.18 -34.81 -3.44
N ALA D 25 -4.05 -34.46 -4.07
CA ALA D 25 -3.94 -33.16 -4.71
C ALA D 25 -5.00 -32.99 -5.79
N VAL D 26 -5.18 -34.00 -6.63
CA VAL D 26 -6.17 -33.86 -7.69
C VAL D 26 -7.57 -33.71 -7.09
N ALA D 27 -7.83 -34.43 -5.99
CA ALA D 27 -9.14 -34.33 -5.35
C ALA D 27 -9.38 -32.92 -4.83
N ALA D 28 -8.41 -32.41 -4.06
CA ALA D 28 -8.47 -31.02 -3.58
C ALA D 28 -8.62 -30.06 -4.76
N ALA D 29 -7.73 -30.16 -5.75
CA ALA D 29 -7.81 -29.23 -6.87
C ALA D 29 -9.22 -29.17 -7.42
N LEU D 30 -9.96 -30.29 -7.41
CA LEU D 30 -11.31 -30.22 -7.96
C LEU D 30 -12.29 -29.64 -6.95
N LYS D 31 -12.07 -29.86 -5.65
CA LYS D 31 -12.89 -29.21 -4.62
C LYS D 31 -12.87 -27.69 -4.77
N TYR D 32 -11.72 -27.11 -5.10
CA TYR D 32 -11.58 -25.66 -5.19
C TYR D 32 -11.83 -25.14 -6.60
N GLU D 33 -12.01 -26.04 -7.57
CA GLU D 33 -12.42 -25.70 -8.94
C GLU D 33 -11.39 -24.83 -9.63
N VAL D 34 -10.12 -25.17 -9.42
CA VAL D 34 -9.01 -24.54 -10.11
C VAL D 34 -8.86 -25.20 -11.47
N ASP D 35 -8.09 -24.57 -12.33
CA ASP D 35 -7.97 -25.00 -13.71
C ASP D 35 -6.77 -25.90 -13.94
N PHE D 36 -5.80 -25.89 -13.05
CA PHE D 36 -4.57 -26.64 -13.28
C PHE D 36 -3.83 -26.78 -11.95
N ILE D 37 -2.86 -27.69 -11.95
CA ILE D 37 -1.98 -27.88 -10.81
C ILE D 37 -0.55 -27.91 -11.32
N GLU D 38 0.36 -27.51 -10.44
CA GLU D 38 1.79 -27.48 -10.70
C GLU D 38 2.43 -28.57 -9.86
N ILE D 39 3.01 -29.57 -10.54
CA ILE D 39 3.49 -30.78 -9.90
C ILE D 39 5.00 -30.70 -9.80
N PRO D 40 5.60 -30.84 -8.61
CA PRO D 40 7.07 -30.84 -8.56
C PRO D 40 7.64 -32.12 -9.18
N MET D 41 8.64 -31.94 -10.05
CA MET D 41 9.34 -33.03 -10.74
C MET D 41 10.70 -33.12 -10.09
N LEU D 42 10.71 -33.36 -8.78
CA LEU D 42 11.93 -33.42 -7.99
C LEU D 42 12.46 -34.83 -7.84
N ASN D 43 11.66 -35.84 -8.16
CA ASN D 43 12.02 -37.24 -7.96
C ASN D 43 11.48 -38.03 -9.15
N PRO D 44 12.05 -37.83 -10.33
CA PRO D 44 11.48 -38.40 -11.55
C PRO D 44 11.33 -39.90 -11.47
N PRO D 45 12.37 -40.65 -11.08
CA PRO D 45 12.24 -42.13 -11.05
C PRO D 45 11.11 -42.62 -10.16
N ALA D 46 10.52 -41.75 -9.34
CA ALA D 46 9.46 -42.14 -8.44
C ALA D 46 8.07 -41.74 -8.90
N VAL D 47 7.97 -41.11 -10.05
CA VAL D 47 6.70 -40.56 -10.53
C VAL D 47 6.05 -41.61 -11.43
N ASP D 48 4.84 -41.99 -11.09
CA ASP D 48 4.03 -42.88 -11.91
C ASP D 48 3.28 -42.01 -12.91
N THR D 49 3.86 -41.86 -14.10
CA THR D 49 3.30 -40.89 -15.04
C THR D 49 1.94 -41.32 -15.56
N GLU D 50 1.76 -42.60 -15.89
CA GLU D 50 0.48 -42.99 -16.46
C GLU D 50 -0.64 -42.85 -15.44
N HIS D 51 -0.35 -43.04 -14.15
CA HIS D 51 -1.41 -42.89 -13.14
C HIS D 51 -1.85 -41.43 -13.04
N THR D 52 -0.89 -40.51 -12.87
CA THR D 52 -1.22 -39.09 -12.84
C THR D 52 -1.97 -38.69 -14.11
N ARG D 53 -1.45 -39.07 -15.28
CA ARG D 53 -2.10 -38.66 -16.53
C ARG D 53 -3.54 -39.11 -16.59
N ALA D 54 -3.85 -40.29 -16.04
CA ALA D 54 -5.24 -40.75 -16.04
C ALA D 54 -6.10 -39.91 -15.11
N LEU D 55 -5.58 -39.58 -13.93
CA LEU D 55 -6.28 -38.70 -13.02
C LEU D 55 -6.58 -37.35 -13.66
N LEU D 56 -5.62 -36.81 -14.40
CA LEU D 56 -5.77 -35.48 -14.98
C LEU D 56 -6.88 -35.45 -16.03
N GLU D 57 -6.94 -36.50 -16.86
CA GLU D 57 -7.94 -36.53 -17.91
C GLU D 57 -9.33 -36.82 -17.35
N LYS D 58 -9.44 -37.80 -16.44
CA LYS D 58 -10.79 -38.11 -15.94
C LYS D 58 -11.35 -36.95 -15.12
N ASN D 59 -10.49 -36.16 -14.47
CA ASN D 59 -10.92 -35.02 -13.69
C ASN D 59 -10.84 -33.71 -14.46
N GLU D 60 -10.49 -33.76 -15.75
CA GLU D 60 -10.47 -32.59 -16.67
C GLU D 60 -9.64 -31.44 -16.10
N LEU D 61 -8.37 -31.74 -15.84
CA LEU D 61 -7.49 -30.88 -15.08
C LEU D 61 -6.16 -30.78 -15.81
N ARG D 62 -5.69 -29.57 -16.01
CA ARG D 62 -4.42 -29.39 -16.69
C ARG D 62 -3.29 -29.37 -15.67
N ALA D 63 -2.07 -29.46 -16.18
CA ALA D 63 -0.94 -29.49 -15.28
C ALA D 63 0.31 -29.03 -16.00
N LEU D 64 1.26 -28.54 -15.20
CA LEU D 64 2.64 -28.39 -15.60
C LEU D 64 3.47 -28.89 -14.43
N CYS D 65 4.78 -29.00 -14.66
CA CYS D 65 5.73 -29.37 -13.62
C CYS D 65 6.76 -28.27 -13.41
N SER D 66 7.42 -28.32 -12.27
CA SER D 66 8.53 -27.43 -12.01
C SER D 66 9.54 -28.17 -11.15
N LEU D 67 10.75 -27.62 -11.09
CA LEU D 67 11.77 -28.23 -10.25
C LEU D 67 12.83 -27.19 -9.91
N GLY D 68 13.76 -27.61 -9.07
CA GLY D 68 15.08 -27.02 -9.01
C GLY D 68 16.08 -28.14 -9.24
N LEU D 69 17.26 -27.78 -9.74
CA LEU D 69 18.22 -28.84 -10.07
C LEU D 69 18.98 -29.28 -8.81
N PRO D 70 19.24 -30.58 -8.65
CA PRO D 70 20.08 -31.02 -7.54
C PRO D 70 21.52 -30.55 -7.77
N GLU D 71 22.27 -30.46 -6.68
CA GLU D 71 23.62 -29.90 -6.79
C GLU D 71 24.47 -30.71 -7.78
N ARG D 72 24.22 -32.01 -7.90
CA ARG D 72 25.02 -32.82 -8.82
C ARG D 72 24.81 -32.39 -10.28
N ALA D 73 23.77 -31.60 -10.57
CA ALA D 73 23.40 -31.25 -11.94
C ALA D 73 23.10 -29.77 -12.13
N TRP D 74 23.67 -28.92 -11.29
CA TRP D 74 23.55 -27.46 -11.45
C TRP D 74 24.16 -27.01 -12.77
N ALA D 75 23.31 -26.40 -13.61
CA ALA D 75 23.72 -26.01 -14.96
C ALA D 75 24.88 -25.04 -14.96
N SER D 76 25.06 -24.32 -13.85
CA SER D 76 26.12 -23.33 -13.70
C SER D 76 27.52 -23.93 -13.81
N VAL D 77 27.70 -25.16 -13.36
CA VAL D 77 29.04 -25.68 -13.08
C VAL D 77 29.15 -27.08 -13.67
N ARG D 78 28.04 -27.80 -13.74
CA ARG D 78 28.00 -29.15 -14.33
C ARG D 78 26.96 -29.20 -15.43
N PRO D 79 27.20 -28.47 -16.53
CA PRO D 79 26.18 -28.36 -17.59
C PRO D 79 25.78 -29.66 -18.26
N ASP D 80 26.71 -30.59 -18.45
CA ASP D 80 26.35 -31.83 -19.13
C ASP D 80 25.43 -32.67 -18.26
N ALA D 81 25.73 -32.74 -16.96
CA ALA D 81 24.79 -33.33 -16.01
C ALA D 81 23.43 -32.64 -16.07
N ALA D 82 23.44 -31.31 -16.12
CA ALA D 82 22.18 -30.56 -16.12
C ALA D 82 21.33 -30.91 -17.32
N ILE D 83 21.95 -30.99 -18.51
CA ILE D 83 21.19 -31.36 -19.70
C ILE D 83 20.52 -32.72 -19.51
N GLU D 84 21.28 -33.69 -18.99
CA GLU D 84 20.71 -35.03 -18.87
C GLU D 84 19.57 -35.02 -17.87
N HIS D 85 19.73 -34.32 -16.73
CA HIS D 85 18.66 -34.25 -15.75
C HIS D 85 17.41 -33.62 -16.36
N LEU D 86 17.58 -32.53 -17.12
CA LEU D 86 16.41 -31.87 -17.68
C LEU D 86 15.70 -32.76 -18.70
N LYS D 87 16.45 -33.51 -19.51
CA LYS D 87 15.78 -34.33 -20.51
C LYS D 87 14.88 -35.36 -19.85
N VAL D 88 15.36 -35.95 -18.75
CA VAL D 88 14.55 -36.91 -18.00
C VAL D 88 13.31 -36.20 -17.44
N ALA D 89 13.53 -35.08 -16.74
CA ALA D 89 12.41 -34.33 -16.17
C ALA D 89 11.44 -33.89 -17.26
N ILE D 90 11.97 -33.42 -18.38
CA ILE D 90 11.11 -33.08 -19.52
C ILE D 90 10.28 -34.30 -19.95
N ASP D 91 10.93 -35.45 -20.10
CA ASP D 91 10.21 -36.61 -20.63
C ASP D 91 9.08 -37.02 -19.69
N LYS D 92 9.37 -37.06 -18.38
CA LYS D 92 8.34 -37.49 -17.42
C LYS D 92 7.24 -36.44 -17.33
N THR D 93 7.59 -35.15 -17.41
CA THR D 93 6.55 -34.12 -17.45
C THR D 93 5.60 -34.36 -18.62
N ALA D 94 6.16 -34.57 -19.81
CA ALA D 94 5.34 -34.85 -20.98
C ALA D 94 4.56 -36.15 -20.81
N ASP D 95 5.22 -37.20 -20.30
CA ASP D 95 4.54 -38.48 -20.16
C ASP D 95 3.27 -38.35 -19.33
N LEU D 96 3.29 -37.50 -18.30
CA LEU D 96 2.14 -37.40 -17.41
C LEU D 96 1.07 -36.42 -17.87
N GLY D 97 1.24 -35.77 -19.02
CA GLY D 97 0.25 -34.82 -19.50
C GLY D 97 0.54 -33.36 -19.18
N GLY D 98 1.70 -33.06 -18.60
CA GLY D 98 2.05 -31.70 -18.30
C GLY D 98 2.48 -30.95 -19.55
N GLU D 99 2.23 -29.62 -19.54
CA GLU D 99 2.39 -28.76 -20.72
C GLU D 99 3.64 -27.90 -20.67
N ALA D 100 4.30 -27.83 -19.54
CA ALA D 100 5.57 -27.13 -19.47
C ALA D 100 6.32 -27.65 -18.26
N LEU D 101 7.61 -27.39 -18.25
CA LEU D 101 8.48 -27.65 -17.11
C LEU D 101 9.09 -26.31 -16.74
N SER D 102 8.79 -25.83 -15.54
CA SER D 102 9.21 -24.49 -15.14
C SER D 102 9.96 -24.48 -13.82
N GLY D 103 10.22 -23.29 -13.30
CA GLY D 103 10.94 -23.16 -12.05
C GLY D 103 12.39 -22.80 -12.20
N VAL D 104 13.22 -23.29 -11.27
CA VAL D 104 14.67 -23.06 -11.30
C VAL D 104 15.30 -24.16 -12.14
N ILE D 105 14.98 -24.15 -13.44
CA ILE D 105 15.46 -25.18 -14.35
C ILE D 105 16.90 -24.95 -14.77
N TYR D 106 17.49 -23.84 -14.32
CA TYR D 106 18.82 -23.41 -14.68
C TYR D 106 19.80 -23.51 -13.53
N GLY D 107 19.37 -24.05 -12.40
CA GLY D 107 20.23 -24.05 -11.26
C GLY D 107 19.55 -24.65 -10.06
N GLY D 108 20.16 -24.44 -8.90
CA GLY D 108 19.68 -25.01 -7.67
C GLY D 108 18.84 -24.04 -6.85
N ILE D 109 17.86 -24.58 -6.14
CA ILE D 109 17.20 -23.84 -5.06
C ILE D 109 18.10 -23.97 -3.85
N GLY D 110 18.77 -22.89 -3.52
CA GLY D 110 19.85 -22.91 -2.56
C GLY D 110 21.22 -22.82 -3.18
N GLU D 111 21.31 -22.57 -4.47
CA GLU D 111 22.62 -22.49 -5.12
C GLU D 111 23.23 -21.12 -4.90
N ARG D 112 24.49 -21.10 -4.47
CA ARG D 112 25.30 -19.90 -4.41
C ARG D 112 26.78 -20.27 -4.49
N THR D 113 27.57 -19.40 -5.13
CA THR D 113 29.01 -19.57 -5.13
C THR D 113 29.67 -18.74 -4.04
N GLY D 114 28.95 -17.75 -3.49
CA GLY D 114 29.53 -16.77 -2.62
C GLY D 114 30.01 -15.52 -3.32
N VAL D 115 30.01 -15.51 -4.65
CA VAL D 115 30.44 -14.37 -5.44
C VAL D 115 29.35 -14.06 -6.45
N PRO D 116 29.35 -12.85 -7.01
CA PRO D 116 28.37 -12.53 -8.05
C PRO D 116 28.50 -13.48 -9.23
N PRO D 117 27.43 -13.66 -10.00
CA PRO D 117 27.50 -14.60 -11.12
C PRO D 117 28.44 -14.08 -12.19
N THR D 118 29.12 -15.01 -12.85
CA THR D 118 30.16 -14.70 -13.81
C THR D 118 29.66 -15.02 -15.21
N GLU D 119 30.33 -14.47 -16.22
CA GLU D 119 29.92 -14.75 -17.60
C GLU D 119 30.08 -16.22 -17.94
N ALA D 120 31.07 -16.90 -17.34
CA ALA D 120 31.22 -18.33 -17.59
C ALA D 120 29.98 -19.09 -17.14
N GLU D 121 29.41 -18.70 -15.99
CA GLU D 121 28.21 -19.38 -15.49
C GLU D 121 27.05 -19.20 -16.45
N TYR D 122 26.83 -17.98 -16.93
CA TYR D 122 25.70 -17.78 -17.84
C TYR D 122 25.94 -18.48 -19.17
N ASP D 123 27.18 -18.53 -19.64
CA ASP D 123 27.48 -19.32 -20.84
C ASP D 123 27.00 -20.76 -20.65
N ASN D 124 27.36 -21.38 -19.52
CA ASN D 124 26.94 -22.74 -19.27
C ASN D 124 25.42 -22.86 -19.23
N ILE D 125 24.75 -21.93 -18.56
CA ILE D 125 23.29 -22.01 -18.48
C ILE D 125 22.66 -21.90 -19.88
N ALA D 126 23.15 -20.97 -20.70
CA ALA D 126 22.58 -20.82 -22.04
C ALA D 126 22.73 -22.12 -22.86
N ARG D 127 23.90 -22.74 -22.78
CA ARG D 127 24.12 -24.01 -23.46
C ARG D 127 23.12 -25.06 -22.97
N VAL D 128 22.97 -25.15 -21.65
CA VAL D 128 22.01 -26.10 -21.08
C VAL D 128 20.61 -25.81 -21.60
N LEU D 129 20.16 -24.56 -21.45
CA LEU D 129 18.77 -24.25 -21.79
C LEU D 129 18.52 -24.43 -23.27
N SER D 130 19.50 -24.14 -24.11
CA SER D 130 19.31 -24.35 -25.54
C SER D 130 19.10 -25.83 -25.84
N ALA D 131 19.99 -26.68 -25.33
CA ALA D 131 19.80 -28.12 -25.43
C ALA D 131 18.43 -28.52 -24.90
N ALA D 132 18.16 -28.15 -23.65
CA ALA D 132 16.90 -28.51 -23.01
C ALA D 132 15.71 -28.06 -23.83
N ALA D 133 15.79 -26.85 -24.39
CA ALA D 133 14.66 -26.29 -25.12
C ALA D 133 14.34 -27.13 -26.36
N LYS D 134 15.38 -27.60 -27.05
CA LYS D 134 15.14 -28.47 -28.19
C LYS D 134 14.52 -29.79 -27.76
N HIS D 135 15.01 -30.38 -26.67
CA HIS D 135 14.36 -31.59 -26.18
C HIS D 135 12.92 -31.31 -25.79
N ALA D 136 12.68 -30.15 -25.17
CA ALA D 136 11.32 -29.82 -24.77
C ALA D 136 10.38 -29.72 -25.97
N LYS D 137 10.83 -29.11 -27.05
CA LYS D 137 10.00 -29.02 -28.25
C LYS D 137 9.71 -30.42 -28.82
N SER D 138 10.72 -31.30 -28.79
CA SER D 138 10.54 -32.70 -29.18
C SER D 138 9.25 -33.27 -28.59
N ARG D 139 8.99 -32.97 -27.32
CA ARG D 139 7.88 -33.55 -26.58
C ARG D 139 6.67 -32.64 -26.54
N GLY D 140 6.69 -31.54 -27.28
CA GLY D 140 5.54 -30.67 -27.34
C GLY D 140 5.26 -29.81 -26.13
N ILE D 141 6.26 -29.54 -25.28
CA ILE D 141 6.04 -28.72 -24.09
C ILE D 141 6.98 -27.52 -24.11
N GLU D 142 6.70 -26.56 -23.23
CA GLU D 142 7.53 -25.37 -23.09
C GLU D 142 8.30 -25.43 -21.77
N LEU D 143 9.34 -24.60 -21.70
CA LEU D 143 10.18 -24.43 -20.53
C LEU D 143 9.98 -23.04 -19.94
N GLY D 144 10.02 -22.97 -18.61
CA GLY D 144 9.85 -21.71 -17.90
C GLY D 144 11.07 -21.44 -17.04
N VAL D 145 11.53 -20.19 -17.06
CA VAL D 145 12.64 -19.73 -16.23
C VAL D 145 12.05 -18.86 -15.13
N GLU D 146 12.18 -19.32 -13.88
CA GLU D 146 11.63 -18.62 -12.74
C GLU D 146 12.72 -17.80 -12.09
N ALA D 147 12.52 -16.48 -12.01
CA ALA D 147 13.38 -15.65 -11.20
C ALA D 147 13.07 -15.90 -9.71
N VAL D 148 14.11 -16.18 -8.93
CA VAL D 148 13.98 -16.42 -7.50
C VAL D 148 14.91 -15.49 -6.76
N ASN D 149 14.69 -15.35 -5.45
CA ASN D 149 15.44 -14.33 -4.72
C ASN D 149 16.90 -14.75 -4.47
N ARG D 150 17.69 -13.73 -4.09
CA ARG D 150 19.13 -13.80 -3.95
C ARG D 150 19.59 -14.91 -3.03
N TYR D 151 18.73 -15.33 -2.12
CA TYR D 151 19.11 -16.35 -1.15
C TYR D 151 18.89 -17.76 -1.66
N GLU D 152 18.07 -17.91 -2.70
CA GLU D 152 17.83 -19.23 -3.30
C GLU D 152 18.67 -19.48 -4.54
N ASN D 153 19.16 -18.44 -5.18
CA ASN D 153 19.99 -18.62 -6.36
C ASN D 153 20.66 -17.30 -6.66
N HIS D 154 21.89 -17.32 -7.14
CA HIS D 154 22.62 -16.09 -7.39
C HIS D 154 22.59 -15.67 -8.86
N LEU D 155 21.92 -16.41 -9.73
CA LEU D 155 22.07 -16.19 -11.16
C LEU D 155 20.91 -15.43 -11.80
N ILE D 156 19.67 -15.73 -11.47
CA ILE D 156 18.52 -15.09 -12.11
C ILE D 156 17.58 -14.73 -10.98
N ASN D 157 17.53 -13.43 -10.63
CA ASN D 157 16.78 -12.96 -9.50
C ASN D 157 15.66 -12.00 -9.88
N THR D 158 15.67 -11.43 -11.09
CA THR D 158 14.71 -10.41 -11.48
C THR D 158 14.07 -10.75 -12.82
N GLY D 159 12.94 -10.11 -13.07
CA GLY D 159 12.34 -10.22 -14.39
C GLY D 159 13.31 -9.88 -15.50
N TRP D 160 14.06 -8.79 -15.33
CA TRP D 160 14.94 -8.35 -16.40
C TRP D 160 16.05 -9.37 -16.65
N GLN D 161 16.61 -9.97 -15.60
CA GLN D 161 17.65 -10.99 -15.82
C GLN D 161 17.09 -12.21 -16.53
N ALA D 162 15.89 -12.64 -16.16
CA ALA D 162 15.28 -13.77 -16.82
C ALA D 162 15.04 -13.49 -18.29
N VAL D 163 14.59 -12.27 -18.63
CA VAL D 163 14.40 -11.93 -20.03
C VAL D 163 15.73 -11.98 -20.78
N GLN D 164 16.81 -11.52 -20.14
CA GLN D 164 18.11 -11.48 -20.82
C GLN D 164 18.60 -12.89 -21.13
N MET D 165 18.37 -13.82 -20.20
CA MET D 165 18.72 -15.23 -20.45
C MET D 165 17.87 -15.79 -21.58
N ILE D 166 16.57 -15.50 -21.57
CA ILE D 166 15.71 -15.95 -22.64
C ILE D 166 16.17 -15.41 -23.99
N GLU D 167 16.56 -14.13 -24.02
CA GLU D 167 16.99 -13.53 -25.29
C GLU D 167 18.36 -14.07 -25.71
N ARG D 168 19.21 -14.43 -24.75
CA ARG D 168 20.48 -15.08 -25.07
C ARG D 168 20.27 -16.45 -25.74
N VAL D 169 19.50 -17.34 -25.11
CA VAL D 169 19.28 -18.69 -25.65
C VAL D 169 18.62 -18.64 -27.02
N GLY D 170 17.77 -17.65 -27.28
CA GLY D 170 17.17 -17.51 -28.58
C GLY D 170 16.08 -18.50 -28.92
N ALA D 171 15.61 -19.27 -27.96
CA ALA D 171 14.60 -20.27 -28.23
C ALA D 171 13.21 -19.67 -28.13
N ASP D 172 12.32 -20.20 -28.97
CA ASP D 172 10.94 -19.79 -29.09
C ASP D 172 10.04 -20.29 -27.96
N ASN D 173 10.49 -21.28 -27.19
CA ASN D 173 9.60 -22.02 -26.30
C ASN D 173 10.05 -21.97 -24.84
N ILE D 174 10.73 -20.89 -24.45
CA ILE D 174 11.06 -20.64 -23.05
C ILE D 174 10.38 -19.34 -22.64
N PHE D 175 9.56 -19.40 -21.59
CA PHE D 175 8.88 -18.24 -21.05
C PHE D 175 9.50 -17.83 -19.71
N VAL D 176 9.12 -16.63 -19.26
CA VAL D 176 9.49 -16.15 -17.93
C VAL D 176 8.39 -16.51 -16.94
N HIS D 177 8.81 -16.95 -15.77
CA HIS D 177 7.99 -17.34 -14.64
C HIS D 177 8.38 -16.42 -13.49
N LEU D 178 7.45 -15.61 -13.01
CA LEU D 178 7.70 -14.72 -11.89
C LEU D 178 6.97 -15.24 -10.66
N ASP D 179 7.34 -14.71 -9.50
CA ASP D 179 6.78 -15.17 -8.24
C ASP D 179 6.77 -13.98 -7.31
N THR D 180 5.58 -13.62 -6.80
CA THR D 180 5.44 -12.38 -6.04
C THR D 180 6.23 -12.43 -4.73
N TYR D 181 6.35 -13.63 -4.16
CA TYR D 181 7.21 -13.79 -2.98
C TYR D 181 8.64 -13.38 -3.29
N HIS D 182 9.17 -13.86 -4.41
CA HIS D 182 10.51 -13.49 -4.79
C HIS D 182 10.60 -12.03 -5.23
N MET D 183 9.60 -11.54 -5.97
CA MET D 183 9.64 -10.15 -6.41
C MET D 183 9.54 -9.18 -5.23
N ASN D 184 8.85 -9.58 -4.17
CA ASN D 184 8.74 -8.78 -2.97
C ASN D 184 10.11 -8.40 -2.43
N ILE D 185 11.12 -9.23 -2.66
CA ILE D 185 12.50 -8.98 -2.25
C ILE D 185 13.31 -8.34 -3.36
N GLU D 186 13.18 -8.84 -4.59
CA GLU D 186 14.12 -8.51 -5.65
C GLU D 186 13.75 -7.32 -6.51
N GLU D 187 12.46 -7.06 -6.72
CA GLU D 187 12.06 -6.03 -7.66
C GLU D 187 11.98 -4.67 -6.97
N LYS D 188 12.47 -3.65 -7.65
CA LYS D 188 12.49 -2.30 -7.11
C LYS D 188 11.13 -1.67 -7.39
N GLY D 189 10.14 -2.08 -6.61
CA GLY D 189 8.74 -1.83 -6.96
C GLY D 189 8.26 -3.08 -7.67
N VAL D 190 7.26 -3.75 -7.11
CA VAL D 190 6.93 -5.10 -7.59
C VAL D 190 6.46 -5.08 -9.04
N GLY D 191 5.78 -4.01 -9.45
CA GLY D 191 5.31 -3.94 -10.82
C GLY D 191 6.41 -3.96 -11.85
N ASN D 192 7.62 -3.53 -11.45
CA ASN D 192 8.75 -3.51 -12.38
C ASN D 192 9.17 -4.89 -12.85
N GLY D 193 8.95 -5.93 -12.04
CA GLY D 193 9.27 -7.27 -12.52
C GLY D 193 8.33 -7.69 -13.62
N ILE D 194 7.04 -7.40 -13.44
CA ILE D 194 6.04 -7.66 -14.46
C ILE D 194 6.32 -6.84 -15.71
N LEU D 195 6.58 -5.54 -15.54
CA LEU D 195 6.89 -4.70 -16.69
C LEU D 195 8.10 -5.23 -17.46
N ASP D 196 9.18 -5.56 -16.74
CA ASP D 196 10.39 -5.97 -17.43
C ASP D 196 10.18 -7.31 -18.15
N ALA D 197 9.30 -8.16 -17.64
CA ALA D 197 9.10 -9.48 -18.20
C ALA D 197 7.93 -9.57 -19.16
N ARG D 198 7.29 -8.44 -19.50
CA ARG D 198 5.95 -8.47 -20.13
C ARG D 198 5.93 -9.21 -21.46
N GLU D 199 7.01 -9.17 -22.24
CA GLU D 199 7.00 -9.82 -23.56
C GLU D 199 7.07 -11.34 -23.46
N HIS D 200 7.43 -11.87 -22.30
CA HIS D 200 7.72 -13.28 -22.13
C HIS D 200 6.99 -13.92 -20.98
N LEU D 201 6.24 -13.12 -20.21
CA LEU D 201 5.59 -13.59 -18.99
C LEU D 201 4.35 -14.42 -19.31
N LYS D 202 4.39 -15.69 -18.92
CA LYS D 202 3.26 -16.60 -19.15
C LYS D 202 2.80 -17.30 -17.88
N TYR D 203 3.45 -17.05 -16.75
CA TYR D 203 3.14 -17.80 -15.54
C TYR D 203 3.57 -16.97 -14.34
N ILE D 204 2.72 -16.89 -13.32
CA ILE D 204 3.11 -16.16 -12.13
C ILE D 204 2.63 -16.90 -10.90
N HIS D 205 3.54 -17.06 -9.94
CA HIS D 205 3.18 -17.53 -8.60
C HIS D 205 2.63 -16.34 -7.82
N LEU D 206 1.38 -16.45 -7.38
CA LEU D 206 0.75 -15.46 -6.52
C LEU D 206 0.94 -15.99 -5.10
N SER D 207 2.14 -15.77 -4.58
CA SER D 207 2.59 -16.30 -3.31
C SER D 207 2.83 -15.16 -2.33
N GLU D 208 2.28 -15.28 -1.12
CA GLU D 208 2.41 -14.21 -0.14
C GLU D 208 3.86 -14.10 0.33
N SER D 209 4.15 -12.94 0.93
CA SER D 209 5.53 -12.56 1.25
C SER D 209 6.20 -13.52 2.22
N ASP D 210 5.42 -14.17 3.08
CA ASP D 210 5.94 -15.19 3.99
C ASP D 210 5.53 -16.61 3.59
N ARG D 211 5.17 -16.83 2.34
CA ARG D 211 4.67 -18.09 1.78
C ARG D 211 3.36 -18.54 2.40
N GLY D 212 2.69 -17.68 3.17
CA GLY D 212 1.41 -18.01 3.76
C GLY D 212 0.20 -17.67 2.91
N THR D 213 -0.78 -17.00 3.50
CA THR D 213 -2.08 -16.81 2.86
C THR D 213 -2.06 -15.51 2.06
N PRO D 214 -2.29 -15.56 0.74
CA PRO D 214 -2.35 -14.31 -0.05
C PRO D 214 -3.42 -13.38 0.46
N GLY D 215 -3.05 -12.10 0.55
CA GLY D 215 -3.90 -11.10 1.15
C GLY D 215 -3.50 -10.75 2.57
N TYR D 216 -2.64 -11.55 3.19
CA TYR D 216 -2.34 -11.41 4.62
C TYR D 216 -0.84 -11.42 4.85
N GLY D 217 -0.09 -10.75 3.98
CA GLY D 217 1.34 -10.54 4.14
C GLY D 217 1.72 -9.15 3.68
N THR D 218 2.85 -8.98 2.98
CA THR D 218 3.27 -7.65 2.60
C THR D 218 3.28 -7.42 1.09
N CYS D 219 2.88 -8.41 0.28
CA CYS D 219 2.89 -8.19 -1.15
C CYS D 219 1.91 -7.09 -1.52
N GLY D 220 2.29 -6.30 -2.51
CA GLY D 220 1.47 -5.19 -3.00
C GLY D 220 0.51 -5.67 -4.08
N TRP D 221 -0.55 -6.34 -3.63
CA TRP D 221 -1.45 -7.06 -4.54
C TRP D 221 -2.14 -6.14 -5.54
N ASP D 222 -2.56 -4.95 -5.12
CA ASP D 222 -3.27 -4.06 -6.07
C ASP D 222 -2.34 -3.64 -7.19
N GLU D 223 -1.08 -3.32 -6.86
CA GLU D 223 -0.09 -3.02 -7.90
C GLU D 223 0.16 -4.24 -8.79
N ILE D 224 0.30 -5.42 -8.18
CA ILE D 224 0.49 -6.65 -8.96
C ILE D 224 -0.65 -6.84 -9.96
N PHE D 225 -1.89 -6.82 -9.48
CA PHE D 225 -3.00 -7.14 -10.38
C PHE D 225 -3.25 -6.03 -11.40
N SER D 226 -3.11 -4.77 -11.00
CA SER D 226 -3.27 -3.68 -11.97
C SER D 226 -2.23 -3.81 -13.08
N THR D 227 -1.00 -4.18 -12.73
CA THR D 227 0.04 -4.24 -13.74
C THR D 227 -0.15 -5.47 -14.64
N LEU D 228 -0.57 -6.61 -14.06
CA LEU D 228 -0.90 -7.75 -14.90
C LEU D 228 -2.03 -7.41 -15.88
N ALA D 229 -3.08 -6.73 -15.41
CA ALA D 229 -4.14 -6.34 -16.33
C ALA D 229 -3.59 -5.42 -17.41
N ALA D 230 -2.74 -4.48 -17.03
CA ALA D 230 -2.25 -3.48 -17.99
C ALA D 230 -1.41 -4.09 -19.09
N ILE D 231 -0.63 -5.14 -18.80
CA ILE D 231 0.18 -5.73 -19.85
C ILE D 231 -0.58 -6.78 -20.65
N GLY D 232 -1.84 -7.03 -20.30
CA GLY D 232 -2.63 -8.04 -20.98
C GLY D 232 -2.21 -9.46 -20.62
N PHE D 233 -1.86 -9.70 -19.37
CA PHE D 233 -1.45 -11.03 -18.97
C PHE D 233 -2.58 -12.02 -19.16
N LYS D 234 -2.25 -13.19 -19.71
CA LYS D 234 -3.26 -14.19 -20.03
C LYS D 234 -2.81 -15.60 -19.66
N GLY D 235 -1.68 -15.75 -18.96
CA GLY D 235 -1.16 -17.06 -18.57
C GLY D 235 -1.68 -17.56 -17.24
N GLY D 236 -0.91 -18.45 -16.62
CA GLY D 236 -1.37 -19.09 -15.39
C GLY D 236 -1.15 -18.21 -14.16
N LEU D 237 -2.16 -18.20 -13.29
CA LEU D 237 -2.12 -17.54 -12.00
C LEU D 237 -2.13 -18.65 -10.96
N ALA D 238 -0.99 -18.94 -10.34
CA ALA D 238 -0.87 -20.12 -9.49
C ALA D 238 -0.52 -19.78 -8.05
N MET D 239 -1.25 -20.39 -7.12
CA MET D 239 -0.89 -20.24 -5.72
C MET D 239 0.29 -21.13 -5.34
N GLU D 240 1.07 -20.68 -4.37
CA GLU D 240 2.17 -21.47 -3.83
C GLU D 240 2.34 -21.14 -2.35
N SER D 241 2.06 -22.13 -1.51
CA SER D 241 2.17 -22.03 -0.06
C SER D 241 2.67 -23.37 0.44
N PHE D 242 3.77 -23.38 1.19
CA PHE D 242 4.42 -24.64 1.55
C PHE D 242 3.83 -25.18 2.85
N ILE D 243 2.55 -25.55 2.76
CA ILE D 243 1.91 -26.34 3.81
C ILE D 243 2.70 -27.63 4.01
N ASN D 244 3.06 -28.29 2.92
CA ASN D 244 3.91 -29.47 2.89
C ASN D 244 5.17 -29.07 2.15
N MET D 245 6.29 -29.67 2.50
CA MET D 245 7.58 -29.26 1.95
C MET D 245 8.27 -30.45 1.30
N PRO D 246 8.43 -30.47 -0.01
CA PRO D 246 9.20 -31.55 -0.65
C PRO D 246 10.59 -31.62 -0.07
N PRO D 247 11.06 -32.82 0.29
CA PRO D 247 12.34 -32.92 1.02
C PRO D 247 13.52 -32.46 0.20
N GLU D 248 13.48 -32.62 -1.12
CA GLU D 248 14.61 -32.27 -1.96
C GLU D 248 14.94 -30.77 -1.94
N VAL D 249 13.98 -29.92 -1.54
CA VAL D 249 14.17 -28.48 -1.62
C VAL D 249 13.97 -27.78 -0.29
N ALA D 250 13.77 -28.54 0.78
CA ALA D 250 13.48 -27.90 2.06
C ALA D 250 14.65 -27.03 2.51
N TYR D 251 15.88 -27.50 2.29
CA TYR D 251 17.00 -26.76 2.80
C TYR D 251 17.11 -25.40 2.15
N GLY D 252 16.82 -25.33 0.85
CA GLY D 252 16.94 -24.06 0.13
C GLY D 252 15.74 -23.13 0.29
N LEU D 253 14.55 -23.69 0.55
CA LEU D 253 13.34 -22.86 0.62
C LEU D 253 13.15 -22.22 1.98
N ALA D 254 13.74 -22.79 3.03
CA ALA D 254 13.87 -22.13 4.34
C ALA D 254 12.54 -21.89 5.05
N VAL D 255 11.69 -22.90 5.08
CA VAL D 255 10.43 -22.84 5.82
C VAL D 255 10.67 -23.51 7.17
N TRP D 256 10.94 -22.71 8.21
CA TRP D 256 11.37 -23.24 9.50
C TRP D 256 10.27 -23.27 10.51
N ARG D 257 9.08 -22.83 10.12
CA ARG D 257 7.91 -22.72 10.97
C ARG D 257 6.71 -22.68 10.04
N PRO D 258 5.52 -22.97 10.54
CA PRO D 258 4.35 -23.09 9.64
C PRO D 258 4.08 -21.77 8.92
N VAL D 259 3.80 -21.87 7.62
CA VAL D 259 3.50 -20.68 6.85
C VAL D 259 2.10 -20.16 7.12
N ALA D 260 1.24 -20.99 7.71
CA ALA D 260 -0.17 -20.68 7.98
C ALA D 260 -0.74 -21.84 8.77
N LYS D 261 -1.95 -21.64 9.33
CA LYS D 261 -2.54 -22.66 10.19
C LYS D 261 -2.67 -23.99 9.47
N ASP D 262 -3.27 -23.99 8.29
CA ASP D 262 -3.33 -25.22 7.52
C ASP D 262 -3.82 -24.88 6.11
N GLU D 263 -3.99 -25.94 5.32
CA GLU D 263 -4.40 -25.78 3.93
C GLU D 263 -5.78 -25.15 3.82
N GLU D 264 -6.64 -25.40 4.81
CA GLU D 264 -7.98 -24.82 4.77
C GLU D 264 -7.94 -23.31 4.92
N GLU D 265 -7.03 -22.78 5.74
CA GLU D 265 -6.91 -21.34 5.87
C GLU D 265 -6.36 -20.72 4.59
N VAL D 266 -5.32 -21.32 4.00
CA VAL D 266 -4.70 -20.69 2.83
C VAL D 266 -5.66 -20.70 1.64
N MET D 267 -6.27 -21.87 1.36
CA MET D 267 -7.18 -21.98 0.22
C MET D 267 -8.49 -21.29 0.50
N GLY D 268 -8.97 -21.35 1.75
CA GLY D 268 -10.27 -20.79 2.10
C GLY D 268 -10.28 -19.27 2.13
N ASN D 269 -9.15 -18.64 2.44
CA ASN D 269 -9.06 -17.18 2.43
C ASN D 269 -8.22 -16.65 1.29
N GLY D 270 -7.16 -17.35 0.90
CA GLY D 270 -6.27 -16.86 -0.14
C GLY D 270 -6.87 -16.93 -1.52
N LEU D 271 -7.47 -18.06 -1.87
CA LEU D 271 -8.00 -18.20 -3.22
C LEU D 271 -9.14 -17.22 -3.50
N PRO D 272 -10.13 -17.06 -2.61
CA PRO D 272 -11.18 -16.07 -2.92
C PRO D 272 -10.60 -14.68 -3.03
N PHE D 273 -9.62 -14.35 -2.20
CA PHE D 273 -8.97 -13.05 -2.29
C PHE D 273 -8.39 -12.84 -3.69
N LEU D 274 -7.63 -13.82 -4.19
CA LEU D 274 -6.97 -13.67 -5.47
C LEU D 274 -7.96 -13.71 -6.63
N ARG D 275 -8.98 -14.57 -6.54
CA ARG D 275 -10.01 -14.57 -7.58
C ARG D 275 -10.74 -13.23 -7.62
N ASN D 276 -11.09 -12.70 -6.45
CA ASN D 276 -11.77 -11.42 -6.38
C ASN D 276 -10.91 -10.30 -6.94
N LYS D 277 -9.61 -10.32 -6.67
CA LYS D 277 -8.72 -9.29 -7.22
C LYS D 277 -8.60 -9.40 -8.74
N ALA D 278 -8.55 -10.61 -9.27
CA ALA D 278 -8.42 -10.76 -10.71
C ALA D 278 -9.65 -10.22 -11.42
N LYS D 279 -10.81 -10.42 -10.81
CA LYS D 279 -12.06 -9.87 -11.33
C LYS D 279 -12.07 -8.38 -11.17
N GLN D 280 -11.62 -7.89 -10.02
CA GLN D 280 -11.61 -6.45 -9.78
C GLN D 280 -10.83 -5.71 -10.83
N TYR D 281 -9.69 -6.25 -11.24
CA TYR D 281 -8.86 -5.58 -12.22
C TYR D 281 -9.08 -6.09 -13.64
N GLY D 282 -10.12 -6.91 -13.85
CA GLY D 282 -10.50 -7.30 -15.19
C GLY D 282 -9.51 -8.20 -15.90
N LEU D 283 -8.81 -9.06 -15.17
CA LEU D 283 -7.78 -9.87 -15.81
C LEU D 283 -8.42 -10.79 -16.84
N ILE D 284 -7.76 -10.92 -17.99
CA ILE D 284 -8.28 -11.77 -19.06
C ILE D 284 -8.59 -13.16 -18.51
N GLY D 285 -9.83 -13.62 -18.77
CA GLY D 285 -10.31 -14.87 -18.22
C GLY D 285 -10.91 -14.78 -16.83
N ASN D 286 -10.74 -13.66 -16.12
CA ASN D 286 -11.52 -13.38 -14.92
C ASN D 286 -11.84 -11.89 -14.82
#